data_6SH2
#
_entry.id   6SH2
#
_cell.length_a   109.267
_cell.length_b   109.267
_cell.length_c   112.579
_cell.angle_alpha   90.000
_cell.angle_beta   90.000
_cell.angle_gamma   120.000
#
_symmetry.space_group_name_H-M   'P 32 2 1'
#
loop_
_entity.id
_entity.type
_entity.pdbx_description
1 polymer Neprilysin
2 polymer 'C-type natriuretic peptide fragment (CNP)'
3 non-polymer 2-acetamido-2-deoxy-beta-D-glucopyranose
4 non-polymer 'ZINC ION'
5 non-polymer 'CHLORIDE ION'
6 water water
#
loop_
_entity_poly.entity_id
_entity_poly.type
_entity_poly.pdbx_seq_one_letter_code
_entity_poly.pdbx_strand_id
1 'polypeptide(L)'
;GICKSSDCIKSAARLIQNMDATTEPCTDFFKYACGGWLKRNVIPETSSRYGNFDILRDELEVVLKDVLQEPKTEDIVAVQ
KAKALYRSCINESAIDSRGGEPLLKLLPDIYGWPVATENWEQKYGASWTAEKAIAQLNSKYGKKVLINLFVGTDDKNSVN
HVIHIDQPRLGLPSRDYYECTGIYKEACTAYVDFMISVARLIRQEERLPIDENQLALEMNKVMELEKEIANATAKPEDRN
DPMLLYNKMTLAQIQNNFSLEINGKPFSWLNFTNEIMSTVNISITNEEDVVVYAPEYLTKLKPILTKYSARDLQNLMSWR
FIMDLVSSLSRTYKESRNAFRKALYGTTSETATWRRCANYVNGNMENAVGRLYVEAAFAGESKHVVEDLIAQIREVFIQT
LDDLTWMDAETKKRAEEKALAIKERIGYPDDIVSNDNKLNNEYLELNYKEDEYFENIIQNLKFSQSKQLKKLREKVDKDE
WISGAAVVNAFYSSGRNQIVFPAGILQPPFFSAQQSNSLNYGGIGMVIGHDITHGFDDNGRNFNKDGDLVDWWTQQSASN
FKEQSQCMVYQYGNFSWDLAGGQHLNGINTLGENIADNGGLGQAYRAYQNYIKKNGEEKLLPGLDLNHKQLFFLNFAQVW
CGTYRPEYAVNSIKTDVHSPGNFRIIGTLQNSAEFSEAFHCRKNSYMNPEKKCRVW
;
AAA
2 'polypeptide(L)' AAAA DDD
#
# COMPACT_ATOMS: atom_id res chain seq x y z
N GLY A 1 -33.41 -30.66 4.36
CA GLY A 1 -32.75 -29.88 5.45
C GLY A 1 -31.70 -28.91 4.91
N ILE A 2 -30.82 -29.39 4.04
CA ILE A 2 -29.68 -28.61 3.46
C ILE A 2 -30.14 -27.84 2.21
N CYS A 3 -29.49 -26.71 1.93
CA CYS A 3 -29.71 -25.86 0.72
C CYS A 3 -29.27 -26.64 -0.53
N LYS A 4 -29.90 -26.37 -1.68
CA LYS A 4 -29.60 -27.03 -2.98
C LYS A 4 -29.73 -26.00 -4.12
N SER A 5 -29.31 -24.76 -3.86
CA SER A 5 -29.30 -23.64 -4.85
C SER A 5 -27.91 -23.45 -5.42
N SER A 6 -27.81 -23.07 -6.70
CA SER A 6 -26.54 -22.88 -7.46
C SER A 6 -25.48 -22.17 -6.61
N ASP A 7 -25.88 -21.11 -5.89
CA ASP A 7 -24.97 -20.24 -5.11
C ASP A 7 -24.56 -20.92 -3.79
N CYS A 8 -25.39 -21.83 -3.27
CA CYS A 8 -25.05 -22.71 -2.11
C CYS A 8 -23.99 -23.74 -2.54
N ILE A 9 -24.10 -24.27 -3.76
CA ILE A 9 -23.21 -25.34 -4.32
C ILE A 9 -21.83 -24.74 -4.61
N LYS A 10 -21.79 -23.61 -5.34
CA LYS A 10 -20.53 -22.88 -5.68
C LYS A 10 -19.69 -22.69 -4.42
N SER A 11 -20.33 -22.27 -3.33
CA SER A 11 -19.72 -22.06 -1.99
C SER A 11 -19.11 -23.38 -1.49
N ALA A 12 -19.91 -24.44 -1.44
CA ALA A 12 -19.54 -25.79 -0.96
C ALA A 12 -18.32 -26.30 -1.74
N ALA A 13 -18.38 -26.25 -3.07
CA ALA A 13 -17.31 -26.70 -4.00
C ALA A 13 -16.00 -26.01 -3.66
N ARG A 14 -16.00 -24.67 -3.67
CA ARG A 14 -14.81 -23.82 -3.37
C ARG A 14 -14.30 -24.15 -1.96
N LEU A 15 -15.20 -24.24 -0.98
CA LEU A 15 -14.86 -24.53 0.45
C LEU A 15 -14.19 -25.91 0.56
N ILE A 16 -14.76 -26.92 -0.10
CA ILE A 16 -14.28 -28.34 -0.07
C ILE A 16 -12.96 -28.45 -0.84
N GLN A 17 -12.88 -27.85 -2.03
CA GLN A 17 -11.69 -27.87 -2.91
C GLN A 17 -10.49 -27.22 -2.19
N ASN A 18 -10.73 -26.15 -1.44
CA ASN A 18 -9.67 -25.36 -0.75
C ASN A 18 -9.18 -26.12 0.50
N MET A 19 -10.11 -26.69 1.28
CA MET A 19 -9.81 -27.32 2.61
C MET A 19 -9.25 -28.73 2.42
N ASP A 20 -8.50 -29.21 3.41
CA ASP A 20 -7.95 -30.59 3.50
C ASP A 20 -8.45 -31.23 4.82
N ALA A 21 -9.48 -32.07 4.73
CA ALA A 21 -10.22 -32.64 5.88
C ALA A 21 -9.43 -33.81 6.52
N THR A 22 -8.28 -34.19 5.94
CA THR A 22 -7.35 -35.22 6.49
C THR A 22 -6.33 -34.55 7.42
N THR A 23 -6.71 -33.42 8.03
CA THR A 23 -5.90 -32.66 9.02
C THR A 23 -6.82 -32.24 10.18
N GLU A 24 -6.29 -32.16 11.40
CA GLU A 24 -7.06 -31.79 12.62
C GLU A 24 -7.18 -30.25 12.67
N PRO A 25 -8.41 -29.70 12.79
CA PRO A 25 -8.59 -28.25 12.90
C PRO A 25 -7.87 -27.61 14.10
N CYS A 26 -7.53 -28.42 15.11
CA CYS A 26 -6.92 -27.98 16.40
C CYS A 26 -5.39 -28.07 16.33
N THR A 27 -4.84 -28.83 15.37
CA THR A 27 -3.38 -29.03 15.17
C THR A 27 -2.83 -27.91 14.29
N ASP A 28 -3.54 -27.56 13.21
CA ASP A 28 -3.16 -26.49 12.25
C ASP A 28 -4.36 -26.18 11.35
N PHE A 29 -5.02 -25.04 11.56
CA PHE A 29 -6.28 -24.65 10.86
C PHE A 29 -5.96 -24.11 9.47
N PHE A 30 -4.77 -23.52 9.28
CA PHE A 30 -4.24 -23.05 7.97
C PHE A 30 -4.17 -24.25 7.02
N LYS A 31 -3.41 -25.29 7.41
CA LYS A 31 -3.22 -26.55 6.64
C LYS A 31 -4.55 -27.27 6.47
N TYR A 32 -5.49 -27.09 7.41
CA TYR A 32 -6.86 -27.67 7.38
C TYR A 32 -7.72 -26.95 6.33
N ALA A 33 -7.71 -25.61 6.36
CA ALA A 33 -8.61 -24.74 5.56
C ALA A 33 -8.02 -24.49 4.16
N CYS A 34 -6.68 -24.53 4.01
CA CYS A 34 -5.97 -24.14 2.77
C CYS A 34 -5.18 -25.32 2.17
N GLY A 35 -4.91 -26.37 2.94
CA GLY A 35 -4.11 -27.54 2.50
C GLY A 35 -4.47 -28.00 1.10
N GLY A 36 -5.78 -28.05 0.79
CA GLY A 36 -6.31 -28.42 -0.53
C GLY A 36 -5.88 -27.45 -1.60
N TRP A 37 -5.90 -26.15 -1.30
CA TRP A 37 -5.46 -25.04 -2.21
C TRP A 37 -3.96 -25.16 -2.48
N LEU A 38 -3.16 -25.36 -1.43
CA LEU A 38 -1.66 -25.45 -1.52
C LEU A 38 -1.26 -26.57 -2.49
N LYS A 39 -1.93 -27.73 -2.39
CA LYS A 39 -1.59 -28.96 -3.16
C LYS A 39 -1.75 -28.73 -4.67
N ARG A 40 -2.82 -28.02 -5.07
CA ARG A 40 -3.21 -27.81 -6.49
C ARG A 40 -2.41 -26.63 -7.08
N ASN A 41 -2.47 -25.47 -6.41
CA ASN A 41 -1.95 -24.18 -6.92
C ASN A 41 -0.44 -24.07 -6.68
N VAL A 42 0.27 -23.46 -7.63
CA VAL A 42 1.72 -23.10 -7.56
C VAL A 42 1.85 -21.62 -7.91
N ILE A 43 2.80 -20.92 -7.28
CA ILE A 43 3.08 -19.47 -7.52
C ILE A 43 3.43 -19.28 -8.99
N PRO A 44 2.65 -18.50 -9.77
CA PRO A 44 3.00 -18.19 -11.15
C PRO A 44 4.38 -17.54 -11.25
N GLU A 45 5.07 -17.71 -12.38
CA GLU A 45 6.46 -17.23 -12.62
C GLU A 45 6.52 -15.70 -12.51
N THR A 46 5.43 -15.01 -12.87
CA THR A 46 5.33 -13.52 -12.87
C THR A 46 5.04 -13.00 -11.45
N SER A 47 4.47 -13.83 -10.58
CA SER A 47 4.06 -13.48 -9.20
C SER A 47 5.16 -13.83 -8.19
N SER A 48 5.24 -13.07 -7.10
CA SER A 48 6.14 -13.34 -5.94
C SER A 48 5.32 -13.93 -4.79
N ARG A 49 4.05 -13.54 -4.68
CA ARG A 49 3.04 -14.13 -3.76
C ARG A 49 1.85 -14.61 -4.61
N TYR A 50 1.11 -15.61 -4.12
CA TYR A 50 -0.14 -16.12 -4.74
C TYR A 50 -1.10 -16.57 -3.65
N GLY A 51 -2.40 -16.28 -3.84
CA GLY A 51 -3.47 -16.58 -2.86
C GLY A 51 -4.84 -16.16 -3.38
N ASN A 52 -5.81 -16.01 -2.49
CA ASN A 52 -7.21 -15.61 -2.82
C ASN A 52 -7.20 -14.16 -3.33
N PHE A 53 -6.56 -13.25 -2.59
CA PHE A 53 -6.46 -11.81 -2.91
C PHE A 53 -5.82 -11.61 -4.30
N ASP A 54 -4.71 -12.32 -4.56
CA ASP A 54 -3.88 -12.16 -5.78
C ASP A 54 -4.60 -12.77 -6.99
N ILE A 55 -5.40 -13.83 -6.78
CA ILE A 55 -6.24 -14.48 -7.83
C ILE A 55 -7.37 -13.51 -8.22
N LEU A 56 -8.02 -12.89 -7.24
CA LEU A 56 -9.15 -11.94 -7.45
C LEU A 56 -8.65 -10.68 -8.18
N ARG A 57 -7.45 -10.22 -7.84
CA ARG A 57 -6.78 -9.05 -8.47
C ARG A 57 -6.41 -9.40 -9.92
N ASP A 58 -6.04 -10.66 -10.18
CA ASP A 58 -5.74 -11.18 -11.54
C ASP A 58 -7.05 -11.33 -12.33
N GLU A 59 -8.13 -11.73 -11.66
CA GLU A 59 -9.49 -11.84 -12.25
C GLU A 59 -10.04 -10.43 -12.53
N LEU A 60 -9.67 -9.45 -11.69
CA LEU A 60 -10.08 -8.02 -11.85
C LEU A 60 -9.38 -7.42 -13.08
N GLU A 61 -8.09 -7.75 -13.28
CA GLU A 61 -7.26 -7.28 -14.43
C GLU A 61 -7.91 -7.76 -15.74
N VAL A 62 -8.46 -8.97 -15.78
CA VAL A 62 -9.14 -9.56 -16.98
C VAL A 62 -10.35 -8.69 -17.33
N VAL A 63 -11.14 -8.29 -16.34
CA VAL A 63 -12.35 -7.44 -16.50
C VAL A 63 -11.94 -6.07 -17.07
N LEU A 64 -10.83 -5.51 -16.58
CA LEU A 64 -10.28 -4.21 -17.04
C LEU A 64 -9.83 -4.33 -18.50
N LYS A 65 -9.22 -5.46 -18.88
CA LYS A 65 -8.78 -5.76 -20.26
C LYS A 65 -10.00 -5.69 -21.19
N ASP A 66 -11.06 -6.41 -20.84
CA ASP A 66 -12.30 -6.58 -21.66
C ASP A 66 -12.88 -5.20 -22.04
N VAL A 67 -12.95 -4.27 -21.09
CA VAL A 67 -13.60 -2.93 -21.27
C VAL A 67 -12.65 -1.98 -21.99
N LEU A 68 -11.36 -1.95 -21.60
CA LEU A 68 -10.36 -0.97 -22.12
C LEU A 68 -10.01 -1.27 -23.58
N GLN A 69 -9.96 -2.55 -23.97
CA GLN A 69 -9.43 -3.00 -25.29
C GLN A 69 -10.43 -2.64 -26.41
N GLU A 70 -11.73 -2.79 -26.15
CA GLU A 70 -12.82 -2.59 -27.16
C GLU A 70 -13.38 -1.17 -27.02
N PRO A 71 -13.18 -0.27 -28.02
CA PRO A 71 -13.83 1.04 -28.02
C PRO A 71 -15.35 0.95 -28.20
N LYS A 72 -16.05 2.05 -27.87
CA LYS A 72 -17.51 2.23 -28.08
C LYS A 72 -17.77 3.70 -28.45
N THR A 73 -18.63 3.94 -29.45
CA THR A 73 -18.94 5.30 -29.98
C THR A 73 -19.73 6.11 -28.95
N GLU A 74 -20.50 5.44 -28.08
CA GLU A 74 -21.35 6.07 -27.03
C GLU A 74 -20.49 6.52 -25.84
N ASP A 75 -19.22 6.10 -25.76
CA ASP A 75 -18.28 6.44 -24.66
C ASP A 75 -18.05 7.95 -24.61
N ILE A 76 -17.89 8.51 -23.40
CA ILE A 76 -17.61 9.95 -23.13
C ILE A 76 -16.11 10.21 -23.36
N VAL A 77 -15.65 11.44 -23.06
CA VAL A 77 -14.25 11.88 -23.31
C VAL A 77 -13.30 11.21 -22.30
N ALA A 78 -13.67 11.21 -21.02
CA ALA A 78 -12.88 10.64 -19.90
C ALA A 78 -12.54 9.17 -20.19
N VAL A 79 -13.51 8.43 -20.74
CA VAL A 79 -13.36 6.98 -21.11
C VAL A 79 -12.38 6.86 -22.28
N GLN A 80 -12.59 7.64 -23.35
CA GLN A 80 -11.76 7.63 -24.58
C GLN A 80 -10.27 7.78 -24.22
N LYS A 81 -9.95 8.70 -23.30
CA LYS A 81 -8.56 9.01 -22.86
C LYS A 81 -7.99 7.83 -22.07
N ALA A 82 -8.82 7.12 -21.32
CA ALA A 82 -8.45 5.91 -20.55
C ALA A 82 -8.10 4.78 -21.52
N LYS A 83 -8.95 4.56 -22.53
CA LYS A 83 -8.79 3.48 -23.55
C LYS A 83 -7.60 3.80 -24.47
N ALA A 84 -7.44 5.07 -24.84
CA ALA A 84 -6.32 5.57 -25.67
C ALA A 84 -4.99 5.34 -24.94
N LEU A 85 -4.99 5.58 -23.62
CA LEU A 85 -3.79 5.40 -22.74
C LEU A 85 -3.44 3.91 -22.68
N TYR A 86 -4.44 3.03 -22.62
CA TYR A 86 -4.28 1.56 -22.59
C TYR A 86 -3.64 1.10 -23.91
N ARG A 87 -4.21 1.51 -25.04
CA ARG A 87 -3.75 1.15 -26.41
C ARG A 87 -2.30 1.60 -26.61
N SER A 88 -1.94 2.77 -26.09
CA SER A 88 -0.58 3.37 -26.18
C SER A 88 0.42 2.53 -25.37
N CYS A 89 -0.04 1.96 -24.25
CA CYS A 89 0.79 1.20 -23.28
C CYS A 89 1.12 -0.20 -23.82
N ILE A 90 0.15 -0.88 -24.44
CA ILE A 90 0.28 -2.30 -24.89
C ILE A 90 0.94 -2.38 -26.27
N ASN A 91 1.09 -1.24 -26.97
CA ASN A 91 1.74 -1.18 -28.31
C ASN A 91 3.27 -1.30 -28.12
N GLU A 92 3.76 -2.55 -28.08
CA GLU A 92 5.20 -2.90 -27.88
C GLU A 92 6.03 -2.41 -29.07
N SER A 93 5.51 -2.63 -30.29
CA SER A 93 6.11 -2.22 -31.58
C SER A 93 6.51 -0.73 -31.54
N ALA A 94 5.54 0.13 -31.20
CA ALA A 94 5.69 1.61 -31.15
C ALA A 94 6.75 2.00 -30.11
N ILE A 95 6.68 1.40 -28.91
CA ILE A 95 7.60 1.69 -27.78
C ILE A 95 9.01 1.23 -28.14
N ASP A 96 9.16 -0.02 -28.60
CA ASP A 96 10.46 -0.68 -28.87
C ASP A 96 11.25 0.09 -29.95
N SER A 97 10.56 0.66 -30.94
CA SER A 97 11.16 1.38 -32.09
C SER A 97 11.88 2.65 -31.63
N ARG A 98 11.42 3.26 -30.52
CA ARG A 98 12.01 4.50 -29.94
C ARG A 98 13.30 4.17 -29.19
N GLY A 99 13.38 2.98 -28.59
CA GLY A 99 14.53 2.55 -27.77
C GLY A 99 14.60 3.34 -26.47
N GLY A 100 15.71 4.06 -26.26
CA GLY A 100 15.91 4.94 -25.09
C GLY A 100 15.84 6.42 -25.47
N GLU A 101 15.26 6.73 -26.63
CA GLU A 101 15.19 8.10 -27.20
C GLU A 101 14.42 9.03 -26.24
N PRO A 102 13.24 8.61 -25.72
CA PRO A 102 12.48 9.47 -24.81
C PRO A 102 13.23 9.84 -23.52
N LEU A 103 14.11 8.95 -23.04
CA LEU A 103 14.92 9.16 -21.81
C LEU A 103 16.00 10.22 -22.10
N LEU A 104 16.71 10.10 -23.23
CA LEU A 104 17.77 11.04 -23.66
C LEU A 104 17.19 12.46 -23.81
N LYS A 105 15.92 12.58 -24.19
CA LYS A 105 15.19 13.87 -24.30
C LYS A 105 14.93 14.47 -22.91
N LEU A 106 14.76 13.60 -21.90
CA LEU A 106 14.29 13.97 -20.54
C LEU A 106 15.48 14.30 -19.62
N LEU A 107 16.61 13.58 -19.78
CA LEU A 107 17.82 13.71 -18.93
C LEU A 107 18.25 15.16 -18.79
N PRO A 108 18.31 15.96 -19.89
CA PRO A 108 18.67 17.38 -19.77
C PRO A 108 17.81 18.19 -18.79
N ASP A 109 16.52 17.86 -18.70
CA ASP A 109 15.52 18.58 -17.87
C ASP A 109 15.76 18.29 -16.38
N ILE A 110 16.41 17.17 -16.05
CA ILE A 110 16.74 16.74 -14.65
C ILE A 110 18.24 16.90 -14.41
N TYR A 111 18.91 17.80 -15.15
CA TYR A 111 20.35 18.15 -15.02
C TYR A 111 21.23 16.93 -15.34
N GLY A 112 20.76 16.05 -16.23
CA GLY A 112 21.52 14.91 -16.79
C GLY A 112 21.83 13.84 -15.76
N TRP A 113 22.46 12.73 -16.21
CA TRP A 113 22.97 11.62 -15.36
C TRP A 113 24.48 11.49 -15.56
N PRO A 114 25.31 12.07 -14.65
CA PRO A 114 26.75 12.21 -14.87
C PRO A 114 27.47 10.98 -15.44
N VAL A 115 27.16 9.78 -14.95
CA VAL A 115 27.83 8.50 -15.35
C VAL A 115 27.68 8.30 -16.87
N ALA A 116 26.53 8.68 -17.44
CA ALA A 116 26.21 8.58 -18.88
C ALA A 116 26.21 9.98 -19.50
N THR A 117 27.19 10.81 -19.12
CA THR A 117 27.41 12.18 -19.66
C THR A 117 28.93 12.42 -19.78
N GLU A 118 29.33 13.26 -20.75
CA GLU A 118 30.75 13.61 -21.01
C GLU A 118 30.96 15.09 -20.66
N ASN A 119 31.96 15.38 -19.81
CA ASN A 119 32.22 16.74 -19.24
C ASN A 119 30.92 17.27 -18.61
N TRP A 120 30.46 16.63 -17.55
CA TRP A 120 29.21 17.00 -16.81
C TRP A 120 29.43 18.29 -16.01
N GLU A 121 30.60 18.41 -15.38
CA GLU A 121 30.97 19.54 -14.47
C GLU A 121 30.78 20.87 -15.21
N GLN A 122 31.19 20.95 -16.48
CA GLN A 122 31.10 22.16 -17.33
C GLN A 122 29.66 22.41 -17.75
N LYS A 123 28.96 21.36 -18.18
CA LYS A 123 27.59 21.43 -18.78
C LYS A 123 26.57 21.85 -17.73
N TYR A 124 26.58 21.19 -16.56
CA TYR A 124 25.56 21.36 -15.48
C TYR A 124 26.23 21.77 -14.16
N GLY A 125 27.24 20.99 -13.72
CA GLY A 125 27.93 21.14 -12.42
C GLY A 125 28.28 22.58 -12.07
N ALA A 126 28.66 23.38 -13.07
CA ALA A 126 29.04 24.81 -12.92
C ALA A 126 27.93 25.59 -12.21
N SER A 127 26.74 25.63 -12.81
CA SER A 127 25.54 26.36 -12.31
C SER A 127 24.52 25.37 -11.73
N TRP A 128 25.01 24.40 -10.94
CA TRP A 128 24.18 23.36 -10.25
C TRP A 128 23.94 23.77 -8.81
N THR A 129 22.69 23.65 -8.34
CA THR A 129 22.28 23.94 -6.93
C THR A 129 21.43 22.76 -6.41
N ALA A 130 21.68 22.36 -5.16
CA ALA A 130 20.96 21.27 -4.45
C ALA A 130 19.46 21.55 -4.42
N GLU A 131 19.08 22.83 -4.29
CA GLU A 131 17.66 23.29 -4.24
C GLU A 131 16.96 22.92 -5.57
N LYS A 132 17.44 23.49 -6.69
CA LYS A 132 16.81 23.40 -8.03
C LYS A 132 16.83 21.96 -8.54
N ALA A 133 17.86 21.18 -8.16
CA ALA A 133 18.09 19.79 -8.62
C ALA A 133 17.03 18.86 -8.02
N ILE A 134 16.90 18.87 -6.68
CA ILE A 134 15.93 18.03 -5.92
C ILE A 134 14.51 18.51 -6.20
N ALA A 135 14.33 19.82 -6.39
CA ALA A 135 13.03 20.49 -6.63
C ALA A 135 12.45 20.08 -7.98
N GLN A 136 13.30 20.02 -9.02
CA GLN A 136 12.90 19.62 -10.41
C GLN A 136 12.21 18.25 -10.36
N LEU A 137 12.92 17.23 -9.85
CA LEU A 137 12.41 15.84 -9.69
C LEU A 137 11.10 15.86 -8.89
N ASN A 138 11.07 16.62 -7.79
CA ASN A 138 9.91 16.72 -6.85
C ASN A 138 8.73 17.40 -7.55
N SER A 139 8.95 18.58 -8.13
CA SER A 139 7.89 19.47 -8.68
C SER A 139 7.35 18.93 -10.01
N LYS A 140 8.25 18.54 -10.92
CA LYS A 140 7.89 18.15 -12.32
C LYS A 140 7.36 16.71 -12.35
N TYR A 141 8.11 15.77 -11.76
CA TYR A 141 7.93 14.30 -11.98
C TYR A 141 7.43 13.59 -10.71
N GLY A 142 7.34 14.31 -9.58
CA GLY A 142 6.83 13.76 -8.30
C GLY A 142 7.81 12.80 -7.65
N LYS A 143 9.08 12.84 -8.06
CA LYS A 143 10.16 11.97 -7.52
C LYS A 143 10.83 12.69 -6.34
N LYS A 144 10.78 12.06 -5.16
CA LYS A 144 11.33 12.62 -3.89
C LYS A 144 12.65 11.92 -3.59
N VAL A 145 13.75 12.67 -3.56
CA VAL A 145 15.14 12.15 -3.34
C VAL A 145 15.85 13.01 -2.29
N LEU A 146 16.63 12.36 -1.41
CA LEU A 146 17.41 12.97 -0.30
C LEU A 146 16.45 13.63 0.71
N ILE A 147 15.72 14.67 0.30
CA ILE A 147 14.65 15.33 1.10
C ILE A 147 13.30 15.02 0.45
N ASN A 148 12.37 14.46 1.23
CA ASN A 148 10.98 14.12 0.82
C ASN A 148 10.03 15.23 1.28
N LEU A 149 9.95 16.32 0.51
CA LEU A 149 8.96 17.42 0.72
C LEU A 149 7.69 17.08 -0.06
N PHE A 150 6.54 17.00 0.63
CA PHE A 150 5.21 16.72 0.05
C PHE A 150 4.14 17.52 0.79
N VAL A 151 2.94 17.60 0.19
CA VAL A 151 1.76 18.35 0.73
C VAL A 151 0.66 17.32 1.04
N GLY A 152 0.24 17.25 2.31
CA GLY A 152 -0.82 16.33 2.78
C GLY A 152 -1.68 16.96 3.86
N THR A 153 -2.70 16.22 4.33
CA THR A 153 -3.64 16.62 5.41
C THR A 153 -2.86 16.86 6.71
N ASP A 154 -3.14 17.98 7.40
CA ASP A 154 -2.52 18.32 8.71
C ASP A 154 -3.13 17.41 9.78
N ASP A 155 -2.30 16.82 10.63
CA ASP A 155 -2.73 15.80 11.63
C ASP A 155 -3.52 16.45 12.78
N LYS A 156 -3.33 17.75 13.03
CA LYS A 156 -4.00 18.48 14.13
C LYS A 156 -5.15 19.35 13.59
N ASN A 157 -5.27 19.47 12.27
CA ASN A 157 -6.39 20.18 11.58
C ASN A 157 -6.74 19.41 10.31
N SER A 158 -7.63 18.43 10.41
CA SER A 158 -7.89 17.42 9.34
C SER A 158 -8.63 18.03 8.14
N VAL A 159 -9.00 19.31 8.21
CA VAL A 159 -9.66 20.06 7.09
C VAL A 159 -8.60 20.86 6.32
N ASN A 160 -7.43 21.10 6.92
CA ASN A 160 -6.33 21.91 6.33
C ASN A 160 -5.24 21.00 5.75
N HIS A 161 -4.56 21.47 4.71
CA HIS A 161 -3.31 20.87 4.14
C HIS A 161 -2.10 21.62 4.71
N VAL A 162 -0.90 21.05 4.56
CA VAL A 162 0.37 21.61 5.10
C VAL A 162 1.57 20.89 4.46
N ILE A 163 2.69 21.59 4.29
CA ILE A 163 3.96 21.04 3.75
C ILE A 163 4.59 20.11 4.80
N HIS A 164 4.84 18.86 4.44
CA HIS A 164 5.56 17.84 5.27
C HIS A 164 7.02 17.74 4.80
N ILE A 165 7.95 17.48 5.72
CA ILE A 165 9.37 17.13 5.43
C ILE A 165 9.67 15.80 6.12
N ASP A 166 10.17 14.82 5.37
CA ASP A 166 10.36 13.42 5.83
C ASP A 166 11.61 12.83 5.15
N GLN A 167 12.03 11.65 5.58
CA GLN A 167 13.09 10.84 4.92
C GLN A 167 12.54 10.29 3.61
N PRO A 168 13.41 10.07 2.58
CA PRO A 168 12.96 9.56 1.29
C PRO A 168 12.85 8.03 1.25
N ARG A 169 11.93 7.50 0.45
CA ARG A 169 11.78 6.05 0.16
C ARG A 169 13.01 5.61 -0.65
N LEU A 170 13.62 4.48 -0.26
CA LEU A 170 14.94 4.01 -0.78
C LEU A 170 14.73 3.15 -2.03
N GLY A 171 15.83 2.82 -2.71
CA GLY A 171 15.84 2.02 -3.97
C GLY A 171 15.51 0.57 -3.70
N LEU A 172 16.10 -0.02 -2.66
CA LEU A 172 15.84 -1.41 -2.19
C LEU A 172 14.68 -1.37 -1.20
N PRO A 173 13.97 -2.51 -0.98
CA PRO A 173 12.69 -2.50 -0.24
C PRO A 173 12.73 -1.84 1.14
N SER A 174 13.81 -2.06 1.91
CA SER A 174 14.00 -1.52 3.28
C SER A 174 15.48 -1.20 3.53
N ARG A 175 15.74 -0.34 4.52
CA ARG A 175 17.09 0.06 5.00
C ARG A 175 17.93 -1.18 5.36
N ASP A 176 17.27 -2.28 5.76
CA ASP A 176 17.90 -3.54 6.22
C ASP A 176 18.77 -4.14 5.11
N TYR A 177 18.41 -3.92 3.85
CA TYR A 177 19.08 -4.50 2.65
C TYR A 177 20.48 -3.92 2.47
N TYR A 178 20.71 -2.67 2.91
CA TYR A 178 21.94 -1.89 2.63
C TYR A 178 23.09 -2.33 3.53
N GLU A 179 22.90 -3.39 4.32
CA GLU A 179 24.00 -4.15 4.99
C GLU A 179 24.80 -4.90 3.91
N CYS A 180 24.07 -5.55 2.99
CA CYS A 180 24.61 -6.23 1.78
C CYS A 180 25.56 -7.37 2.19
N THR A 181 25.08 -8.25 3.07
CA THR A 181 25.78 -9.47 3.55
C THR A 181 24.75 -10.58 3.79
N GLY A 182 25.11 -11.82 3.43
CA GLY A 182 24.24 -13.00 3.58
C GLY A 182 23.08 -12.97 2.59
N ILE A 183 21.85 -12.86 3.10
CA ILE A 183 20.59 -12.94 2.30
C ILE A 183 20.41 -11.66 1.45
N TYR A 184 21.16 -10.60 1.74
CA TYR A 184 21.06 -9.28 1.05
C TYR A 184 22.18 -9.12 0.01
N LYS A 185 23.22 -9.94 0.07
CA LYS A 185 24.39 -9.89 -0.86
C LYS A 185 23.90 -10.07 -2.30
N GLU A 186 22.94 -10.97 -2.52
CA GLU A 186 22.33 -11.29 -3.84
C GLU A 186 21.70 -10.03 -4.45
N ALA A 187 20.89 -9.31 -3.66
CA ALA A 187 20.08 -8.15 -4.09
C ALA A 187 20.97 -6.93 -4.38
N CYS A 188 21.92 -6.64 -3.47
CA CYS A 188 22.83 -5.46 -3.54
C CYS A 188 23.71 -5.54 -4.79
N THR A 189 24.16 -6.75 -5.15
CA THR A 189 24.98 -7.02 -6.37
C THR A 189 24.14 -6.71 -7.61
N ALA A 190 22.94 -7.29 -7.70
CA ALA A 190 21.97 -7.13 -8.80
C ALA A 190 21.59 -5.64 -8.97
N TYR A 191 21.45 -4.92 -7.85
CA TYR A 191 21.06 -3.49 -7.78
C TYR A 191 22.12 -2.61 -8.45
N VAL A 192 23.40 -2.88 -8.19
CA VAL A 192 24.56 -2.14 -8.77
C VAL A 192 24.80 -2.62 -10.21
N ASP A 193 24.57 -3.91 -10.47
CA ASP A 193 24.66 -4.50 -11.83
C ASP A 193 23.55 -3.91 -12.72
N PHE A 194 22.40 -3.55 -12.13
CA PHE A 194 21.25 -2.92 -12.80
C PHE A 194 21.61 -1.47 -13.16
N MET A 195 22.20 -0.73 -12.21
CA MET A 195 22.73 0.64 -12.42
C MET A 195 23.64 0.66 -13.66
N ILE A 196 24.63 -0.24 -13.67
CA ILE A 196 25.69 -0.33 -14.72
C ILE A 196 25.04 -0.66 -16.07
N SER A 197 24.13 -1.64 -16.09
CA SER A 197 23.40 -2.10 -17.30
C SER A 197 22.69 -0.92 -17.97
N VAL A 198 21.95 -0.13 -17.19
CA VAL A 198 21.15 1.03 -17.69
C VAL A 198 22.11 2.12 -18.15
N ALA A 199 23.15 2.41 -17.35
CA ALA A 199 24.22 3.40 -17.66
C ALA A 199 24.89 3.03 -18.98
N ARG A 200 25.21 1.75 -19.17
CA ARG A 200 25.90 1.20 -20.37
C ARG A 200 25.04 1.45 -21.62
N LEU A 201 23.75 1.08 -21.56
CA LEU A 201 22.78 1.20 -22.69
C LEU A 201 22.64 2.66 -23.13
N ILE A 202 22.65 3.60 -22.17
CA ILE A 202 22.49 5.06 -22.44
C ILE A 202 23.74 5.59 -23.16
N ARG A 203 24.93 5.11 -22.76
CA ARG A 203 26.22 5.49 -23.39
C ARG A 203 26.26 4.94 -24.82
N GLN A 204 25.84 3.69 -25.03
CA GLN A 204 25.71 3.04 -26.36
C GLN A 204 24.76 3.86 -27.24
N GLU A 205 23.69 4.39 -26.63
CA GLU A 205 22.65 5.22 -27.32
C GLU A 205 23.27 6.55 -27.76
N GLU A 206 24.10 7.15 -26.90
CA GLU A 206 24.76 8.48 -27.12
C GLU A 206 26.06 8.32 -27.91
N ARG A 207 26.52 7.08 -28.12
CA ARG A 207 27.75 6.73 -28.89
C ARG A 207 28.97 7.28 -28.15
N LEU A 208 29.12 6.90 -26.87
CA LEU A 208 30.26 7.29 -26.00
C LEU A 208 31.10 6.04 -25.72
N PRO A 209 32.39 6.18 -25.30
CA PRO A 209 33.23 5.02 -25.01
C PRO A 209 32.86 4.36 -23.67
N ILE A 210 32.49 3.07 -23.72
CA ILE A 210 32.14 2.24 -22.53
C ILE A 210 33.44 1.81 -21.85
N ASP A 211 33.73 2.37 -20.67
CA ASP A 211 34.83 1.97 -19.76
C ASP A 211 34.21 1.25 -18.55
N GLU A 212 34.39 -0.07 -18.46
CA GLU A 212 33.66 -0.97 -17.53
C GLU A 212 34.08 -0.66 -16.07
N ASN A 213 35.37 -0.45 -15.83
CA ASN A 213 35.93 -0.16 -14.48
C ASN A 213 35.43 1.21 -14.00
N GLN A 214 35.26 2.17 -14.91
CA GLN A 214 34.77 3.54 -14.61
C GLN A 214 33.28 3.49 -14.23
N LEU A 215 32.49 2.67 -14.94
CA LEU A 215 31.05 2.44 -14.63
C LEU A 215 30.93 1.79 -13.25
N ALA A 216 31.68 0.71 -13.02
CA ALA A 216 31.69 -0.08 -11.77
C ALA A 216 32.04 0.81 -10.58
N LEU A 217 33.08 1.64 -10.71
CA LEU A 217 33.56 2.58 -9.65
C LEU A 217 32.45 3.58 -9.30
N GLU A 218 31.93 4.29 -10.31
CA GLU A 218 31.01 5.45 -10.14
C GLU A 218 29.69 4.99 -9.52
N MET A 219 29.21 3.78 -9.87
CA MET A 219 27.89 3.22 -9.45
C MET A 219 27.99 2.59 -8.05
N ASN A 220 29.15 2.04 -7.69
CA ASN A 220 29.44 1.54 -6.32
C ASN A 220 29.55 2.74 -5.37
N LYS A 221 29.93 3.91 -5.90
CA LYS A 221 29.95 5.21 -5.15
C LYS A 221 28.50 5.64 -4.87
N VAL A 222 27.60 5.45 -5.83
CA VAL A 222 26.14 5.74 -5.70
C VAL A 222 25.54 4.80 -4.64
N MET A 223 25.98 3.54 -4.63
CA MET A 223 25.57 2.52 -3.63
C MET A 223 26.09 2.93 -2.24
N GLU A 224 27.33 3.43 -2.18
CA GLU A 224 27.99 3.92 -0.94
C GLU A 224 27.22 5.13 -0.37
N LEU A 225 26.79 6.03 -1.24
CA LEU A 225 26.02 7.25 -0.87
C LEU A 225 24.65 6.84 -0.28
N GLU A 226 23.97 5.88 -0.92
CA GLU A 226 22.61 5.44 -0.52
C GLU A 226 22.69 4.60 0.75
N LYS A 227 23.81 3.88 0.97
CA LYS A 227 24.09 3.11 2.21
C LYS A 227 24.11 4.06 3.41
N GLU A 228 24.74 5.24 3.26
CA GLU A 228 24.82 6.29 4.31
C GLU A 228 23.42 6.89 4.54
N ILE A 229 22.70 7.19 3.46
CA ILE A 229 21.33 7.78 3.50
C ILE A 229 20.37 6.76 4.12
N ALA A 230 20.56 5.47 3.83
CA ALA A 230 19.76 4.34 4.34
C ALA A 230 19.97 4.18 5.85
N ASN A 231 21.21 4.35 6.32
CA ASN A 231 21.58 4.22 7.76
C ASN A 231 20.99 5.38 8.56
N ALA A 232 20.91 6.57 7.95
CA ALA A 232 20.43 7.83 8.57
C ALA A 232 18.92 7.77 8.82
N THR A 233 18.18 6.95 8.07
CA THR A 233 16.70 6.80 8.16
C THR A 233 16.34 6.06 9.46
N ALA A 234 15.28 6.51 10.13
CA ALA A 234 14.72 5.89 11.36
C ALA A 234 14.03 4.58 10.99
N LYS A 235 14.10 3.57 11.87
CA LYS A 235 13.45 2.25 11.70
C LYS A 235 11.94 2.42 11.79
N PRO A 236 11.12 1.52 11.18
CA PRO A 236 9.67 1.59 11.31
C PRO A 236 9.16 1.55 12.76
N GLU A 237 9.95 0.97 13.67
CA GLU A 237 9.64 0.86 15.13
C GLU A 237 9.61 2.26 15.77
N ASP A 238 10.37 3.21 15.22
CA ASP A 238 10.52 4.59 15.76
C ASP A 238 9.57 5.55 15.04
N ARG A 239 8.65 5.05 14.21
CA ARG A 239 7.66 5.86 13.44
C ARG A 239 6.24 5.34 13.73
N ASN A 240 6.07 4.54 14.79
CA ASN A 240 4.78 3.85 15.12
C ASN A 240 3.85 4.84 15.82
N ASP A 241 4.36 5.61 16.79
CA ASP A 241 3.59 6.59 17.59
C ASP A 241 3.54 7.92 16.81
N PRO A 242 2.36 8.35 16.34
CA PRO A 242 2.25 9.59 15.55
C PRO A 242 2.41 10.88 16.38
N MET A 243 2.23 10.79 17.69
CA MET A 243 2.42 11.93 18.65
C MET A 243 3.90 12.27 18.74
N LEU A 244 4.78 11.27 18.77
CA LEU A 244 6.26 11.42 18.88
C LEU A 244 6.84 11.81 17.51
N LEU A 245 6.09 11.56 16.43
CA LEU A 245 6.52 11.81 15.02
C LEU A 245 6.23 13.26 14.64
N TYR A 246 4.98 13.71 14.83
CA TYR A 246 4.50 15.07 14.47
C TYR A 246 5.28 16.13 15.26
N ASN A 247 6.07 16.95 14.56
CA ASN A 247 6.90 18.04 15.14
C ASN A 247 6.79 19.28 14.27
N LYS A 248 5.70 20.05 14.43
CA LYS A 248 5.41 21.27 13.63
C LYS A 248 6.41 22.37 14.01
N MET A 249 7.00 23.02 13.00
CA MET A 249 7.95 24.15 13.14
C MET A 249 8.00 24.93 11.82
N THR A 250 8.28 26.24 11.89
CA THR A 250 8.34 27.16 10.72
C THR A 250 9.65 26.96 9.95
N LEU A 251 9.69 27.41 8.70
CA LEU A 251 10.90 27.37 7.83
C LEU A 251 12.05 28.13 8.51
N ALA A 252 11.72 29.21 9.22
CA ALA A 252 12.66 30.02 10.05
C ALA A 252 13.43 29.10 11.02
N GLN A 253 12.70 28.23 11.73
CA GLN A 253 13.27 27.27 12.72
C GLN A 253 14.08 26.20 11.98
N ILE A 254 13.52 25.65 10.89
CA ILE A 254 14.13 24.54 10.09
C ILE A 254 15.52 24.98 9.59
N GLN A 255 15.65 26.24 9.18
CA GLN A 255 16.93 26.83 8.70
C GLN A 255 17.94 26.91 9.84
N ASN A 256 17.49 27.30 11.05
CA ASN A 256 18.32 27.44 12.27
C ASN A 256 18.76 26.05 12.76
N ASN A 257 17.80 25.12 12.88
CA ASN A 257 18.03 23.76 13.44
C ASN A 257 18.74 22.88 12.39
N PHE A 258 18.07 22.59 11.28
CA PHE A 258 18.48 21.58 10.27
C PHE A 258 19.06 22.28 9.03
N SER A 259 20.21 22.94 9.20
CA SER A 259 21.02 23.55 8.12
C SER A 259 21.89 22.47 7.46
N LEU A 260 22.13 22.59 6.16
CA LEU A 260 22.92 21.62 5.33
C LEU A 260 23.92 22.37 4.46
N GLU A 261 25.07 21.74 4.17
CA GLU A 261 26.11 22.26 3.24
C GLU A 261 26.34 21.23 2.13
N ILE A 262 25.74 21.46 0.95
CA ILE A 262 25.75 20.55 -0.22
C ILE A 262 26.64 21.16 -1.32
N ASN A 263 27.77 20.52 -1.62
CA ASN A 263 28.73 20.93 -2.68
C ASN A 263 29.28 22.34 -2.36
N GLY A 264 29.55 22.60 -1.08
CA GLY A 264 30.11 23.88 -0.59
C GLY A 264 29.02 24.90 -0.25
N LYS A 265 28.09 25.13 -1.18
CA LYS A 265 26.99 26.12 -1.04
C LYS A 265 26.02 25.67 0.06
N PRO A 266 25.86 26.45 1.16
CA PRO A 266 24.86 26.14 2.18
C PRO A 266 23.44 26.05 1.61
N PHE A 267 22.67 25.04 2.02
CA PHE A 267 21.30 24.74 1.53
C PHE A 267 20.31 25.76 2.09
N SER A 268 19.47 26.33 1.22
CA SER A 268 18.41 27.32 1.54
C SER A 268 17.03 26.67 1.39
N TRP A 269 16.31 26.48 2.50
CA TRP A 269 14.98 25.80 2.54
C TRP A 269 13.90 26.71 1.94
N LEU A 270 14.07 28.04 2.08
CA LEU A 270 13.13 29.07 1.55
C LEU A 270 13.18 29.05 0.02
N ASN A 271 14.39 29.08 -0.55
CA ASN A 271 14.67 28.97 -2.01
C ASN A 271 14.10 27.64 -2.53
N PHE A 272 14.39 26.55 -1.80
CA PHE A 272 14.02 25.15 -2.15
C PHE A 272 12.49 24.99 -2.19
N THR A 273 11.81 25.37 -1.10
CA THR A 273 10.34 25.24 -0.93
C THR A 273 9.62 26.04 -2.01
N ASN A 274 10.13 27.24 -2.34
CA ASN A 274 9.56 28.15 -3.37
C ASN A 274 9.78 27.55 -4.75
N GLU A 275 11.00 27.10 -5.05
CA GLU A 275 11.38 26.42 -6.33
C GLU A 275 10.34 25.34 -6.66
N ILE A 276 9.89 24.58 -5.65
CA ILE A 276 8.87 23.50 -5.78
C ILE A 276 7.48 24.14 -5.93
N MET A 277 7.08 24.96 -4.97
CA MET A 277 5.68 25.48 -4.83
C MET A 277 5.39 26.55 -5.89
N SER A 278 6.42 27.21 -6.44
CA SER A 278 6.31 28.25 -7.51
C SER A 278 5.77 27.62 -8.81
N THR A 279 5.96 26.32 -8.98
CA THR A 279 5.44 25.50 -10.13
C THR A 279 3.93 25.67 -10.25
N VAL A 280 3.23 25.87 -9.13
CA VAL A 280 1.73 25.97 -9.06
C VAL A 280 1.32 27.37 -8.60
N ASN A 281 2.22 28.36 -8.74
CA ASN A 281 1.96 29.80 -8.48
C ASN A 281 1.48 29.99 -7.03
N ILE A 282 2.35 29.67 -6.06
CA ILE A 282 2.10 29.86 -4.60
C ILE A 282 3.42 30.30 -3.95
N SER A 283 3.39 31.45 -3.25
CA SER A 283 4.57 32.08 -2.58
C SER A 283 4.68 31.61 -1.13
N ILE A 284 5.88 31.23 -0.70
CA ILE A 284 6.21 30.73 0.67
C ILE A 284 7.20 31.69 1.32
N THR A 285 6.94 32.10 2.57
CA THR A 285 7.83 32.94 3.42
C THR A 285 8.31 32.11 4.61
N ASN A 286 9.18 32.68 5.44
CA ASN A 286 9.82 31.99 6.61
C ASN A 286 8.79 31.71 7.70
N GLU A 287 7.60 32.33 7.63
CA GLU A 287 6.49 32.16 8.61
C GLU A 287 5.51 31.08 8.13
N GLU A 288 5.95 30.16 7.27
CA GLU A 288 5.15 29.00 6.77
C GLU A 288 5.36 27.81 7.71
N ASP A 289 4.27 27.22 8.21
CA ASP A 289 4.30 26.06 9.14
C ASP A 289 4.63 24.79 8.34
N VAL A 290 5.51 23.95 8.88
CA VAL A 290 6.05 22.73 8.19
C VAL A 290 6.14 21.58 9.21
N VAL A 291 5.36 20.52 9.00
CA VAL A 291 5.35 19.29 9.85
C VAL A 291 6.57 18.43 9.47
N VAL A 292 7.62 18.46 10.29
CA VAL A 292 8.87 17.68 10.09
C VAL A 292 8.71 16.30 10.75
N TYR A 293 8.63 15.24 9.94
CA TYR A 293 8.43 13.83 10.40
C TYR A 293 9.78 13.17 10.73
N ALA A 294 10.88 13.67 10.15
CA ALA A 294 12.23 13.06 10.24
C ALA A 294 13.26 14.11 10.63
N PRO A 295 13.21 14.66 11.87
CA PRO A 295 14.21 15.61 12.34
C PRO A 295 15.57 14.96 12.62
N GLU A 296 15.57 13.71 13.10
CA GLU A 296 16.80 12.93 13.44
C GLU A 296 17.56 12.58 12.15
N TYR A 297 16.83 12.36 11.05
CA TYR A 297 17.40 12.06 9.70
C TYR A 297 18.18 13.28 9.20
N LEU A 298 17.53 14.45 9.19
CA LEU A 298 18.09 15.73 8.70
C LEU A 298 19.36 16.10 9.49
N THR A 299 19.35 15.83 10.80
CA THR A 299 20.52 16.02 11.72
C THR A 299 21.68 15.13 11.28
N LYS A 300 21.39 13.86 10.95
CA LYS A 300 22.39 12.84 10.53
C LYS A 300 22.81 13.06 9.08
N LEU A 301 22.02 13.81 8.30
CA LEU A 301 22.24 14.06 6.85
C LEU A 301 23.36 15.10 6.65
N LYS A 302 23.47 16.08 7.55
CA LYS A 302 24.45 17.20 7.48
C LYS A 302 25.86 16.67 7.22
N PRO A 303 26.42 15.80 8.08
CA PRO A 303 27.79 15.31 7.90
C PRO A 303 27.98 14.28 6.76
N ILE A 304 26.87 13.80 6.17
CA ILE A 304 26.90 12.80 5.05
C ILE A 304 27.16 13.53 3.73
N LEU A 305 26.41 14.61 3.45
CA LEU A 305 26.37 15.30 2.12
C LEU A 305 27.49 16.35 2.01
N THR A 306 28.30 16.53 3.06
CA THR A 306 29.45 17.48 3.08
C THR A 306 30.67 16.85 2.38
N LYS A 307 30.71 15.53 2.27
CA LYS A 307 31.84 14.75 1.70
C LYS A 307 31.39 14.03 0.41
N TYR A 308 30.49 14.67 -0.36
CA TYR A 308 30.00 14.19 -1.67
C TYR A 308 29.72 15.40 -2.57
N SER A 309 30.26 15.39 -3.80
CA SER A 309 30.14 16.48 -4.80
C SER A 309 28.77 16.44 -5.48
N ALA A 310 28.45 17.48 -6.25
CA ALA A 310 27.21 17.61 -7.05
C ALA A 310 27.07 16.43 -8.02
N ARG A 311 28.20 15.95 -8.55
CA ARG A 311 28.29 14.78 -9.47
C ARG A 311 27.76 13.53 -8.76
N ASP A 312 28.37 13.19 -7.62
CA ASP A 312 28.08 11.95 -6.83
C ASP A 312 26.59 11.93 -6.41
N LEU A 313 26.04 13.10 -6.08
CA LEU A 313 24.66 13.28 -5.56
C LEU A 313 23.65 13.17 -6.72
N GLN A 314 23.94 13.82 -7.85
CA GLN A 314 23.06 13.84 -9.05
C GLN A 314 23.07 12.45 -9.69
N ASN A 315 24.14 11.67 -9.50
CA ASN A 315 24.25 10.27 -9.98
C ASN A 315 23.18 9.41 -9.28
N LEU A 316 22.99 9.60 -7.97
CA LEU A 316 21.94 8.91 -7.18
C LEU A 316 20.57 9.46 -7.59
N MET A 317 20.39 10.78 -7.52
CA MET A 317 19.10 11.49 -7.74
C MET A 317 18.53 11.12 -9.12
N SER A 318 19.35 11.15 -10.18
CA SER A 318 18.95 10.83 -11.57
C SER A 318 18.63 9.33 -11.70
N TRP A 319 19.49 8.46 -11.14
CA TRP A 319 19.33 6.98 -11.15
C TRP A 319 17.97 6.59 -10.55
N ARG A 320 17.63 7.14 -9.39
CA ARG A 320 16.40 6.80 -8.61
C ARG A 320 15.16 7.03 -9.48
N PHE A 321 15.17 8.06 -10.33
CA PHE A 321 14.06 8.41 -11.25
C PHE A 321 14.07 7.47 -12.46
N ILE A 322 15.24 7.28 -13.08
CA ILE A 322 15.46 6.41 -14.27
C ILE A 322 14.92 5.00 -13.95
N MET A 323 15.24 4.50 -12.75
CA MET A 323 14.86 3.15 -12.25
C MET A 323 13.36 2.88 -12.52
N ASP A 324 12.50 3.88 -12.29
CA ASP A 324 11.03 3.79 -12.49
C ASP A 324 10.71 3.79 -13.99
N LEU A 325 11.39 4.64 -14.76
CA LEU A 325 11.08 4.91 -16.20
C LEU A 325 11.44 3.70 -17.07
N VAL A 326 12.40 2.89 -16.64
CA VAL A 326 12.97 1.74 -17.42
C VAL A 326 11.84 0.90 -18.01
N SER A 327 10.77 0.62 -17.23
CA SER A 327 9.63 -0.25 -17.62
C SER A 327 8.76 0.41 -18.69
N SER A 328 8.98 1.70 -18.97
CA SER A 328 8.22 2.49 -19.99
C SER A 328 9.03 2.63 -21.29
N LEU A 329 10.12 1.86 -21.43
CA LEU A 329 11.05 1.92 -22.59
C LEU A 329 11.07 0.55 -23.28
N SER A 330 11.99 0.38 -24.25
CA SER A 330 12.09 -0.82 -25.13
C SER A 330 12.45 -2.08 -24.33
N ARG A 331 12.29 -3.25 -24.96
CA ARG A 331 12.60 -4.58 -24.38
C ARG A 331 14.06 -4.63 -23.90
N THR A 332 14.95 -3.95 -24.63
CA THR A 332 16.42 -3.90 -24.36
C THR A 332 16.67 -3.32 -22.97
N TYR A 333 15.87 -2.34 -22.54
CA TYR A 333 15.98 -1.65 -21.23
C TYR A 333 15.27 -2.46 -20.15
N LYS A 334 14.15 -3.10 -20.50
CA LYS A 334 13.32 -3.92 -19.57
C LYS A 334 14.05 -5.20 -19.18
N GLU A 335 15.02 -5.67 -19.99
CA GLU A 335 15.84 -6.88 -19.72
C GLU A 335 16.64 -6.69 -18.43
N SER A 336 17.30 -5.53 -18.27
CA SER A 336 18.17 -5.19 -17.12
C SER A 336 17.35 -5.12 -15.83
N ARG A 337 16.09 -4.66 -15.92
CA ARG A 337 15.14 -4.54 -14.78
C ARG A 337 14.78 -5.93 -14.25
N ASN A 338 14.37 -6.82 -15.16
CA ASN A 338 13.85 -8.19 -14.84
C ASN A 338 14.93 -8.99 -14.12
N ALA A 339 16.21 -8.78 -14.46
CA ALA A 339 17.39 -9.41 -13.82
C ALA A 339 17.44 -9.03 -12.34
N PHE A 340 17.19 -7.77 -12.02
CA PHE A 340 17.21 -7.19 -10.65
C PHE A 340 15.98 -7.64 -9.86
N ARG A 341 14.84 -7.81 -10.53
CA ARG A 341 13.55 -8.20 -9.91
C ARG A 341 13.56 -9.70 -9.54
N LYS A 342 14.42 -10.49 -10.18
CA LYS A 342 14.61 -11.94 -9.87
C LYS A 342 15.25 -12.08 -8.49
N ALA A 343 16.31 -11.28 -8.23
CA ALA A 343 17.07 -11.27 -6.96
C ALA A 343 16.18 -10.79 -5.81
N LEU A 344 15.25 -9.88 -6.09
CA LEU A 344 14.47 -9.13 -5.06
C LEU A 344 13.14 -9.84 -4.77
N TYR A 345 12.41 -10.24 -5.81
CA TYR A 345 11.02 -10.78 -5.72
C TYR A 345 11.00 -12.29 -6.00
N GLY A 346 11.96 -12.82 -6.75
CA GLY A 346 12.06 -14.25 -7.09
C GLY A 346 11.33 -14.59 -8.39
N THR A 347 10.78 -13.59 -9.06
CA THR A 347 10.04 -13.74 -10.35
C THR A 347 11.04 -13.98 -11.48
N THR A 348 10.81 -15.03 -12.28
CA THR A 348 11.70 -15.46 -13.40
C THR A 348 11.24 -14.83 -14.72
N SER A 349 10.02 -14.31 -14.77
CA SER A 349 9.39 -13.72 -15.98
C SER A 349 8.81 -12.33 -15.66
N GLU A 350 8.50 -11.56 -16.70
CA GLU A 350 7.86 -10.22 -16.60
C GLU A 350 6.34 -10.39 -16.65
N THR A 351 5.60 -9.62 -15.84
CA THR A 351 4.11 -9.56 -15.84
C THR A 351 3.61 -9.29 -17.26
N ALA A 352 2.55 -9.99 -17.68
CA ALA A 352 1.87 -9.79 -18.99
C ALA A 352 1.70 -8.29 -19.23
N THR A 353 2.07 -7.81 -20.41
CA THR A 353 2.07 -6.36 -20.77
C THR A 353 0.67 -5.77 -20.53
N TRP A 354 -0.39 -6.49 -20.90
CA TRP A 354 -1.80 -6.02 -20.80
C TRP A 354 -2.22 -5.93 -19.33
N ARG A 355 -1.62 -6.75 -18.45
CA ARG A 355 -1.88 -6.73 -16.99
C ARG A 355 -1.21 -5.50 -16.36
N ARG A 356 0.02 -5.20 -16.76
CA ARG A 356 0.78 -4.02 -16.27
C ARG A 356 0.06 -2.73 -16.68
N CYS A 357 -0.47 -2.69 -17.90
CA CYS A 357 -1.12 -1.49 -18.51
C CYS A 357 -2.50 -1.28 -17.89
N ALA A 358 -3.33 -2.31 -17.83
CA ALA A 358 -4.67 -2.29 -17.19
C ALA A 358 -4.56 -1.67 -15.78
N ASN A 359 -3.54 -2.06 -15.02
CA ASN A 359 -3.29 -1.59 -13.64
C ASN A 359 -2.78 -0.13 -13.65
N TYR A 360 -1.95 0.23 -14.64
CA TYR A 360 -1.35 1.59 -14.75
C TYR A 360 -2.44 2.64 -15.00
N VAL A 361 -3.37 2.37 -15.92
CA VAL A 361 -4.47 3.32 -16.28
C VAL A 361 -5.48 3.34 -15.14
N ASN A 362 -5.67 2.22 -14.44
CA ASN A 362 -6.55 2.11 -13.24
C ASN A 362 -5.98 2.97 -12.11
N GLY A 363 -4.65 3.13 -12.07
CA GLY A 363 -3.93 3.87 -11.01
C GLY A 363 -3.87 5.36 -11.26
N ASN A 364 -3.85 5.79 -12.54
CA ASN A 364 -3.72 7.21 -12.95
C ASN A 364 -5.08 7.80 -13.35
N MET A 365 -6.10 6.95 -13.52
CA MET A 365 -7.48 7.38 -13.89
C MET A 365 -8.49 6.50 -13.14
N GLU A 366 -8.45 6.57 -11.80
CA GLU A 366 -9.25 5.73 -10.86
C GLU A 366 -10.73 5.76 -11.25
N ASN A 367 -11.29 6.96 -11.38
CA ASN A 367 -12.75 7.21 -11.56
C ASN A 367 -13.21 6.74 -12.94
N ALA A 368 -12.40 6.98 -13.98
CA ALA A 368 -12.68 6.60 -15.38
C ALA A 368 -12.79 5.07 -15.51
N VAL A 369 -11.81 4.36 -14.97
CA VAL A 369 -11.74 2.86 -15.00
C VAL A 369 -12.78 2.30 -14.02
N GLY A 370 -13.01 3.01 -12.91
CA GLY A 370 -14.03 2.65 -11.89
C GLY A 370 -15.43 2.59 -12.50
N ARG A 371 -15.75 3.56 -13.37
CA ARG A 371 -17.05 3.65 -14.10
C ARG A 371 -17.21 2.41 -14.98
N LEU A 372 -16.20 2.11 -15.80
CA LEU A 372 -16.18 0.96 -16.75
C LEU A 372 -16.29 -0.36 -15.98
N TYR A 373 -15.65 -0.46 -14.82
CA TYR A 373 -15.63 -1.68 -13.96
C TYR A 373 -17.03 -1.95 -13.39
N VAL A 374 -17.59 -0.97 -12.68
CA VAL A 374 -18.90 -1.10 -11.96
C VAL A 374 -20.03 -1.31 -12.98
N GLU A 375 -19.91 -0.69 -14.16
CA GLU A 375 -20.87 -0.87 -15.29
C GLU A 375 -20.96 -2.35 -15.68
N ALA A 376 -19.83 -3.05 -15.67
CA ALA A 376 -19.67 -4.43 -16.19
C ALA A 376 -19.88 -5.46 -15.07
N ALA A 377 -19.06 -5.39 -14.01
CA ALA A 377 -18.86 -6.46 -13.01
C ALA A 377 -19.84 -6.30 -11.82
N PHE A 378 -19.89 -5.11 -11.23
CA PHE A 378 -20.62 -4.82 -9.96
C PHE A 378 -22.12 -4.65 -10.26
N ALA A 379 -22.97 -5.11 -9.33
CA ALA A 379 -24.45 -5.13 -9.46
C ALA A 379 -25.04 -3.74 -9.22
N GLY A 380 -24.86 -3.21 -8.00
CA GLY A 380 -25.38 -1.90 -7.57
C GLY A 380 -26.37 -2.03 -6.42
N GLU A 381 -27.30 -3.00 -6.52
CA GLU A 381 -28.34 -3.28 -5.50
C GLU A 381 -27.70 -3.88 -4.23
N SER A 382 -26.50 -4.47 -4.37
CA SER A 382 -25.72 -5.10 -3.28
C SER A 382 -25.23 -4.04 -2.27
N LYS A 383 -25.10 -2.78 -2.69
CA LYS A 383 -24.63 -1.64 -1.87
C LYS A 383 -25.54 -1.45 -0.64
N HIS A 384 -26.84 -1.75 -0.78
CA HIS A 384 -27.87 -1.69 0.29
C HIS A 384 -27.56 -2.71 1.39
N VAL A 385 -27.20 -3.94 0.99
CA VAL A 385 -27.00 -5.11 1.89
C VAL A 385 -25.76 -4.88 2.76
N VAL A 386 -24.71 -4.30 2.18
CA VAL A 386 -23.40 -4.03 2.86
C VAL A 386 -23.58 -2.90 3.89
N GLU A 387 -24.32 -1.84 3.51
CA GLU A 387 -24.62 -0.67 4.38
C GLU A 387 -25.21 -1.14 5.71
N ASP A 388 -26.08 -2.17 5.66
CA ASP A 388 -26.73 -2.78 6.85
C ASP A 388 -25.67 -3.47 7.71
N LEU A 389 -24.88 -4.37 7.12
CA LEU A 389 -23.82 -5.17 7.80
C LEU A 389 -22.85 -4.22 8.54
N ILE A 390 -22.50 -3.09 7.92
CA ILE A 390 -21.59 -2.06 8.51
C ILE A 390 -22.23 -1.47 9.76
N ALA A 391 -23.53 -1.12 9.67
CA ALA A 391 -24.33 -0.54 10.78
C ALA A 391 -24.44 -1.57 11.93
N GLN A 392 -24.62 -2.85 11.58
CA GLN A 392 -24.73 -3.98 12.54
C GLN A 392 -23.41 -4.10 13.34
N ILE A 393 -22.28 -4.12 12.64
CA ILE A 393 -20.92 -4.33 13.23
C ILE A 393 -20.50 -3.08 14.01
N ARG A 394 -20.88 -1.88 13.53
CA ARG A 394 -20.62 -0.58 14.20
C ARG A 394 -21.29 -0.59 15.59
N GLU A 395 -22.52 -1.11 15.67
CA GLU A 395 -23.30 -1.24 16.93
C GLU A 395 -22.65 -2.31 17.83
N VAL A 396 -22.22 -3.42 17.23
CA VAL A 396 -21.59 -4.58 17.95
C VAL A 396 -20.25 -4.13 18.56
N PHE A 397 -19.54 -3.19 17.93
CA PHE A 397 -18.28 -2.61 18.44
C PHE A 397 -18.56 -1.78 19.71
N ILE A 398 -19.63 -0.98 19.67
CA ILE A 398 -20.07 -0.09 20.79
C ILE A 398 -20.53 -0.96 21.96
N GLN A 399 -21.30 -2.02 21.68
CA GLN A 399 -21.81 -2.99 22.68
C GLN A 399 -20.64 -3.58 23.48
N THR A 400 -19.50 -3.83 22.82
CA THR A 400 -18.29 -4.45 23.42
C THR A 400 -17.62 -3.49 24.41
N LEU A 401 -17.70 -2.17 24.15
CA LEU A 401 -17.05 -1.11 24.99
C LEU A 401 -17.45 -1.30 26.46
N ASP A 402 -18.75 -1.47 26.73
CA ASP A 402 -19.33 -1.63 28.09
C ASP A 402 -18.73 -2.87 28.79
N ASP A 403 -18.37 -3.90 28.00
CA ASP A 403 -17.87 -5.21 28.50
C ASP A 403 -16.37 -5.14 28.83
N LEU A 404 -15.64 -4.18 28.24
CA LEU A 404 -14.17 -4.04 28.40
C LEU A 404 -13.84 -3.60 29.83
N THR A 405 -12.91 -4.31 30.49
CA THR A 405 -12.58 -4.19 31.93
C THR A 405 -11.28 -3.41 32.14
N TRP A 406 -10.71 -2.83 31.07
CA TRP A 406 -9.41 -2.11 31.09
C TRP A 406 -9.57 -0.65 30.64
N MET A 407 -10.82 -0.21 30.41
CA MET A 407 -11.16 1.19 30.00
C MET A 407 -12.11 1.79 31.04
N ASP A 408 -11.79 2.99 31.56
CA ASP A 408 -12.68 3.77 32.45
C ASP A 408 -13.83 4.34 31.61
N ALA A 409 -14.99 4.56 32.23
CA ALA A 409 -16.29 4.82 31.56
C ALA A 409 -16.28 6.14 30.77
N GLU A 410 -15.38 7.07 31.11
CA GLU A 410 -15.25 8.37 30.39
C GLU A 410 -14.60 8.14 29.03
N THR A 411 -13.60 7.25 28.96
CA THR A 411 -12.89 6.86 27.72
C THR A 411 -13.83 6.03 26.82
N LYS A 412 -14.76 5.28 27.42
CA LYS A 412 -15.77 4.45 26.69
C LYS A 412 -16.74 5.36 25.93
N LYS A 413 -17.15 6.49 26.54
CA LYS A 413 -18.08 7.49 25.95
C LYS A 413 -17.39 8.17 24.75
N ARG A 414 -16.09 8.48 24.89
CA ARG A 414 -15.26 9.15 23.86
C ARG A 414 -14.99 8.18 22.70
N ALA A 415 -14.90 6.88 22.99
CA ALA A 415 -14.74 5.79 21.99
C ALA A 415 -16.02 5.65 21.17
N GLU A 416 -17.18 5.80 21.81
CA GLU A 416 -18.52 5.73 21.16
C GLU A 416 -18.74 6.96 20.28
N GLU A 417 -18.16 8.11 20.67
CA GLU A 417 -18.20 9.38 19.87
C GLU A 417 -17.58 9.13 18.50
N LYS A 418 -16.37 8.57 18.48
CA LYS A 418 -15.61 8.25 17.23
C LYS A 418 -16.35 7.16 16.44
N ALA A 419 -16.77 6.10 17.12
CA ALA A 419 -17.45 4.91 16.54
C ALA A 419 -18.66 5.34 15.68
N LEU A 420 -19.49 6.24 16.22
CA LEU A 420 -20.75 6.69 15.58
C LEU A 420 -20.46 7.75 14.49
N ALA A 421 -19.31 8.43 14.59
CA ALA A 421 -18.87 9.50 13.68
C ALA A 421 -18.08 8.93 12.49
N ILE A 422 -17.82 7.62 12.46
CA ILE A 422 -17.15 6.93 11.33
C ILE A 422 -18.08 6.95 10.12
N LYS A 423 -17.65 7.59 9.03
CA LYS A 423 -18.37 7.65 7.73
C LYS A 423 -18.02 6.39 6.92
N GLU A 424 -19.00 5.84 6.20
CA GLU A 424 -18.87 4.59 5.41
C GLU A 424 -18.95 4.91 3.92
N ARG A 425 -17.95 4.47 3.15
CA ARG A 425 -17.87 4.61 1.66
C ARG A 425 -17.93 3.22 1.03
N ILE A 426 -19.04 2.89 0.37
CA ILE A 426 -19.35 1.50 -0.12
C ILE A 426 -19.43 1.51 -1.65
N GLY A 427 -18.71 0.57 -2.29
CA GLY A 427 -18.78 0.31 -3.74
C GLY A 427 -18.02 1.35 -4.55
N TYR A 428 -18.66 2.48 -4.86
CA TYR A 428 -18.15 3.53 -5.78
C TYR A 428 -18.88 4.84 -5.54
N PRO A 429 -18.26 6.00 -5.88
CA PRO A 429 -18.99 7.27 -5.90
C PRO A 429 -19.99 7.29 -7.06
N ASP A 430 -21.26 7.62 -6.77
CA ASP A 430 -22.38 7.61 -7.76
C ASP A 430 -22.11 8.65 -8.86
N ASP A 431 -21.21 9.61 -8.59
CA ASP A 431 -20.80 10.70 -9.51
C ASP A 431 -20.33 10.13 -10.85
N ILE A 432 -19.43 9.13 -10.81
CA ILE A 432 -18.65 8.63 -12.00
C ILE A 432 -19.61 8.01 -13.02
N VAL A 433 -20.75 7.48 -12.58
CA VAL A 433 -21.76 6.80 -13.46
C VAL A 433 -22.73 7.86 -14.02
N SER A 434 -23.33 8.67 -13.13
CA SER A 434 -24.41 9.63 -13.45
C SER A 434 -23.83 10.94 -14.01
N ASN A 435 -22.90 11.56 -13.29
CA ASN A 435 -22.33 12.89 -13.60
C ASN A 435 -21.13 12.73 -14.56
N ASP A 436 -21.37 12.95 -15.86
CA ASP A 436 -20.35 12.80 -16.94
C ASP A 436 -19.44 14.04 -16.98
N ASN A 437 -20.02 15.23 -16.74
CA ASN A 437 -19.30 16.54 -16.76
C ASN A 437 -18.12 16.52 -15.79
N LYS A 438 -18.38 16.24 -14.52
CA LYS A 438 -17.37 16.21 -13.42
C LYS A 438 -16.22 15.26 -13.80
N LEU A 439 -16.54 14.12 -14.40
CA LEU A 439 -15.56 13.06 -14.77
C LEU A 439 -14.68 13.57 -15.93
N ASN A 440 -15.32 14.15 -16.96
CA ASN A 440 -14.63 14.75 -18.14
C ASN A 440 -13.73 15.90 -17.68
N ASN A 441 -14.19 16.69 -16.70
CA ASN A 441 -13.47 17.89 -16.16
C ASN A 441 -12.25 17.44 -15.35
N GLU A 442 -12.27 16.23 -14.80
CA GLU A 442 -11.17 15.68 -13.95
C GLU A 442 -9.92 15.43 -14.83
N TYR A 443 -10.12 14.89 -16.04
CA TYR A 443 -9.03 14.47 -16.98
C TYR A 443 -9.01 15.40 -18.20
N LEU A 444 -9.54 16.62 -18.07
CA LEU A 444 -9.62 17.64 -19.14
C LEU A 444 -8.21 18.14 -19.48
N GLU A 445 -7.34 18.24 -18.47
CA GLU A 445 -5.96 18.80 -18.60
C GLU A 445 -5.04 17.78 -19.28
N LEU A 446 -5.52 16.55 -19.52
CA LEU A 446 -4.73 15.44 -20.09
C LEU A 446 -5.04 15.29 -21.59
N ASN A 447 -3.98 15.28 -22.42
CA ASN A 447 -4.05 14.99 -23.88
C ASN A 447 -3.03 13.89 -24.20
N TYR A 448 -3.52 12.72 -24.65
CA TYR A 448 -2.70 11.52 -24.92
C TYR A 448 -2.51 11.31 -26.43
N LYS A 449 -1.29 10.97 -26.84
CA LYS A 449 -0.94 10.48 -28.21
C LYS A 449 -0.71 8.97 -28.14
N GLU A 450 -1.37 8.19 -28.99
CA GLU A 450 -1.39 6.71 -28.95
C GLU A 450 0.00 6.13 -29.26
N ASP A 451 0.85 6.89 -29.97
CA ASP A 451 2.22 6.47 -30.38
C ASP A 451 3.27 7.20 -29.53
N GLU A 452 2.95 7.52 -28.28
CA GLU A 452 3.79 8.42 -27.44
C GLU A 452 3.60 8.07 -25.96
N TYR A 453 3.74 6.78 -25.62
CA TYR A 453 3.49 6.22 -24.26
C TYR A 453 4.34 6.95 -23.21
N PHE A 454 5.64 7.10 -23.46
CA PHE A 454 6.61 7.68 -22.50
C PHE A 454 6.25 9.14 -22.20
N GLU A 455 5.78 9.88 -23.22
CA GLU A 455 5.31 11.28 -23.05
C GLU A 455 3.99 11.29 -22.25
N ASN A 456 3.18 10.25 -22.39
CA ASN A 456 1.89 10.07 -21.67
C ASN A 456 2.15 9.88 -20.16
N ILE A 457 3.11 9.02 -19.81
CA ILE A 457 3.41 8.67 -18.39
C ILE A 457 4.07 9.88 -17.70
N ILE A 458 4.93 10.60 -18.43
CA ILE A 458 5.61 11.85 -17.96
C ILE A 458 4.56 12.95 -17.77
N GLN A 459 3.53 12.96 -18.62
CA GLN A 459 2.38 13.90 -18.52
C GLN A 459 1.59 13.61 -17.23
N ASN A 460 1.34 12.32 -16.96
CA ASN A 460 0.58 11.83 -15.77
C ASN A 460 1.36 12.15 -14.49
N LEU A 461 2.70 12.17 -14.55
CA LEU A 461 3.57 12.51 -13.39
C LEU A 461 3.44 13.99 -13.05
N LYS A 462 3.29 14.85 -14.06
CA LYS A 462 3.06 16.32 -13.89
C LYS A 462 1.66 16.55 -13.32
N PHE A 463 0.64 15.99 -13.99
CA PHE A 463 -0.79 16.12 -13.63
C PHE A 463 -0.99 15.73 -12.15
N SER A 464 -0.39 14.62 -11.72
CA SER A 464 -0.51 14.07 -10.35
C SER A 464 0.10 15.06 -9.33
N GLN A 465 1.39 15.35 -9.47
CA GLN A 465 2.16 16.22 -8.53
C GLN A 465 1.53 17.61 -8.48
N SER A 466 1.18 18.17 -9.65
CA SER A 466 0.51 19.49 -9.79
C SER A 466 -0.80 19.52 -9.01
N LYS A 467 -1.61 18.45 -9.13
CA LYS A 467 -2.93 18.27 -8.49
C LYS A 467 -2.79 18.30 -6.97
N GLN A 468 -1.65 17.79 -6.44
CA GLN A 468 -1.40 17.62 -4.99
C GLN A 468 -0.96 18.94 -4.38
N LEU A 469 0.05 19.59 -4.97
CA LEU A 469 0.65 20.87 -4.47
C LEU A 469 -0.40 21.98 -4.51
N LYS A 470 -1.36 21.91 -5.44
CA LYS A 470 -2.50 22.86 -5.59
C LYS A 470 -3.27 22.98 -4.27
N LYS A 471 -3.31 21.91 -3.47
CA LYS A 471 -4.24 21.75 -2.32
C LYS A 471 -3.68 22.39 -1.04
N LEU A 472 -2.47 22.96 -1.07
CA LEU A 472 -1.76 23.50 0.13
C LEU A 472 -2.64 24.53 0.86
N ARG A 473 -3.40 25.34 0.12
CA ARG A 473 -4.21 26.47 0.66
C ARG A 473 -5.71 26.12 0.63
N GLU A 474 -6.06 24.88 0.27
CA GLU A 474 -7.48 24.43 0.07
C GLU A 474 -7.97 23.69 1.31
N LYS A 475 -9.27 23.79 1.59
CA LYS A 475 -9.97 22.99 2.61
C LYS A 475 -10.22 21.58 2.03
N VAL A 476 -9.66 20.54 2.67
CA VAL A 476 -9.66 19.14 2.16
C VAL A 476 -11.08 18.76 1.73
N ASP A 477 -11.22 18.09 0.58
CA ASP A 477 -12.52 17.66 0.02
C ASP A 477 -13.02 16.46 0.82
N LYS A 478 -14.21 16.56 1.42
CA LYS A 478 -14.86 15.49 2.22
C LYS A 478 -15.51 14.48 1.28
N ASP A 479 -15.82 14.88 0.04
CA ASP A 479 -16.51 14.05 -0.98
C ASP A 479 -15.51 13.19 -1.74
N GLU A 480 -14.22 13.58 -1.75
CA GLU A 480 -13.14 12.91 -2.52
C GLU A 480 -12.82 11.55 -1.88
N TRP A 481 -13.05 10.46 -2.63
CA TRP A 481 -12.71 9.06 -2.22
C TRP A 481 -11.19 8.90 -2.14
N ILE A 482 -10.71 8.08 -1.19
CA ILE A 482 -9.26 7.80 -0.97
C ILE A 482 -8.79 6.72 -1.96
N SER A 483 -9.68 5.78 -2.32
CA SER A 483 -9.39 4.63 -3.21
C SER A 483 -10.39 4.59 -4.37
N GLY A 484 -9.95 4.10 -5.54
CA GLY A 484 -10.80 3.82 -6.70
C GLY A 484 -11.68 2.60 -6.47
N ALA A 485 -12.65 2.36 -7.35
CA ALA A 485 -13.66 1.29 -7.24
C ALA A 485 -13.09 -0.07 -7.65
N ALA A 486 -12.19 -0.08 -8.64
CA ALA A 486 -11.57 -1.30 -9.22
C ALA A 486 -10.37 -1.73 -8.37
N VAL A 487 -10.63 -2.13 -7.12
CA VAL A 487 -9.60 -2.50 -6.10
C VAL A 487 -10.14 -3.65 -5.24
N VAL A 488 -9.40 -4.77 -5.17
CA VAL A 488 -9.66 -5.88 -4.21
C VAL A 488 -8.88 -5.58 -2.93
N ASN A 489 -9.45 -4.71 -2.07
CA ASN A 489 -8.85 -4.26 -0.78
C ASN A 489 -9.90 -3.47 -0.01
N ALA A 490 -9.60 -3.12 1.25
CA ALA A 490 -10.46 -2.28 2.12
C ALA A 490 -9.58 -1.46 3.08
N PHE A 491 -9.91 -0.19 3.28
CA PHE A 491 -9.03 0.82 3.94
C PHE A 491 -9.76 1.53 5.08
N TYR A 492 -8.98 2.11 5.99
CA TYR A 492 -9.42 3.12 7.00
C TYR A 492 -8.51 4.35 6.93
N SER A 493 -9.11 5.54 6.89
CA SER A 493 -8.41 6.86 6.93
C SER A 493 -8.56 7.48 8.33
N SER A 494 -7.46 7.57 9.08
CA SER A 494 -7.39 8.20 10.43
C SER A 494 -7.74 9.69 10.32
N GLY A 495 -7.29 10.35 9.24
CA GLY A 495 -7.50 11.79 8.98
C GLY A 495 -8.96 12.12 8.75
N ARG A 496 -9.70 11.25 8.05
CA ARG A 496 -11.13 11.45 7.69
C ARG A 496 -12.03 10.64 8.63
N ASN A 497 -11.45 9.76 9.46
CA ASN A 497 -12.19 8.78 10.29
C ASN A 497 -13.23 8.08 9.40
N GLN A 498 -12.74 7.34 8.39
CA GLN A 498 -13.56 6.81 7.26
C GLN A 498 -13.16 5.37 6.97
N ILE A 499 -14.13 4.47 6.88
CA ILE A 499 -13.97 3.06 6.40
C ILE A 499 -14.43 3.00 4.94
N VAL A 500 -13.65 2.31 4.08
CA VAL A 500 -13.88 2.27 2.60
C VAL A 500 -13.86 0.80 2.15
N PHE A 501 -14.89 0.38 1.40
CA PHE A 501 -15.06 -1.00 0.86
C PHE A 501 -15.36 -0.92 -0.64
N PRO A 502 -14.32 -0.77 -1.49
CA PRO A 502 -14.49 -0.78 -2.94
C PRO A 502 -15.26 -2.01 -3.47
N ALA A 503 -15.85 -1.87 -4.66
CA ALA A 503 -16.65 -2.91 -5.35
C ALA A 503 -15.81 -4.19 -5.54
N GLY A 504 -14.49 -4.05 -5.68
CA GLY A 504 -13.56 -5.16 -5.94
C GLY A 504 -13.56 -6.20 -4.84
N ILE A 505 -13.76 -5.80 -3.59
CA ILE A 505 -13.78 -6.73 -2.41
C ILE A 505 -15.21 -7.16 -2.10
N LEU A 506 -16.22 -6.44 -2.60
CA LEU A 506 -17.66 -6.81 -2.44
C LEU A 506 -18.02 -7.87 -3.49
N GLN A 507 -17.38 -9.04 -3.40
CA GLN A 507 -17.58 -10.22 -4.30
C GLN A 507 -17.08 -11.46 -3.59
N PRO A 508 -17.47 -12.69 -4.03
CA PRO A 508 -16.97 -13.91 -3.40
C PRO A 508 -15.45 -13.96 -3.37
N PRO A 509 -14.81 -14.54 -2.32
CA PRO A 509 -15.53 -15.23 -1.24
C PRO A 509 -15.94 -14.33 -0.05
N PHE A 510 -15.73 -13.02 -0.17
CA PHE A 510 -15.95 -12.02 0.91
C PHE A 510 -17.46 -11.79 1.11
N PHE A 511 -18.17 -11.46 0.04
CA PHE A 511 -19.62 -11.13 0.06
C PHE A 511 -20.32 -11.54 -1.24
N SER A 512 -21.58 -11.95 -1.11
CA SER A 512 -22.56 -12.12 -2.22
C SER A 512 -23.98 -12.19 -1.62
N ALA A 513 -24.93 -11.49 -2.23
CA ALA A 513 -26.35 -11.40 -1.78
C ALA A 513 -26.95 -12.81 -1.62
N GLN A 514 -26.55 -13.75 -2.47
CA GLN A 514 -27.12 -15.13 -2.53
C GLN A 514 -26.46 -16.04 -1.50
N GLN A 515 -25.11 -16.04 -1.42
CA GLN A 515 -24.34 -16.99 -0.58
C GLN A 515 -24.74 -16.82 0.90
N SER A 516 -24.59 -17.88 1.70
CA SER A 516 -24.96 -17.95 3.14
C SER A 516 -24.37 -16.75 3.90
N ASN A 517 -25.13 -16.21 4.85
CA ASN A 517 -24.72 -15.05 5.70
C ASN A 517 -23.49 -15.45 6.52
N SER A 518 -23.41 -16.71 6.94
CA SER A 518 -22.23 -17.32 7.64
C SER A 518 -20.94 -16.93 6.92
N LEU A 519 -20.93 -17.04 5.59
CA LEU A 519 -19.77 -16.73 4.72
C LEU A 519 -19.57 -15.21 4.63
N ASN A 520 -20.67 -14.46 4.46
CA ASN A 520 -20.67 -12.97 4.41
C ASN A 520 -20.01 -12.42 5.68
N TYR A 521 -20.46 -12.88 6.85
CA TYR A 521 -19.94 -12.46 8.19
C TYR A 521 -18.50 -12.94 8.36
N GLY A 522 -18.19 -14.16 7.89
CA GLY A 522 -16.84 -14.73 7.90
C GLY A 522 -15.89 -13.97 7.00
N GLY A 523 -16.37 -13.53 5.83
CA GLY A 523 -15.61 -12.76 4.83
C GLY A 523 -15.66 -11.26 5.10
N ILE A 524 -16.57 -10.55 4.41
CA ILE A 524 -16.68 -9.06 4.44
C ILE A 524 -16.93 -8.58 5.87
N GLY A 525 -17.73 -9.31 6.65
CA GLY A 525 -18.07 -8.98 8.04
C GLY A 525 -16.82 -8.74 8.88
N MET A 526 -15.83 -9.63 8.76
CA MET A 526 -14.51 -9.53 9.46
C MET A 526 -13.75 -8.31 8.93
N VAL A 527 -13.80 -8.08 7.60
CA VAL A 527 -13.10 -6.96 6.91
C VAL A 527 -13.67 -5.63 7.42
N ILE A 528 -15.00 -5.53 7.55
CA ILE A 528 -15.71 -4.31 8.04
C ILE A 528 -15.25 -4.03 9.48
N GLY A 529 -15.26 -5.07 10.33
CA GLY A 529 -14.77 -4.98 11.72
C GLY A 529 -13.31 -4.57 11.78
N HIS A 530 -12.49 -5.13 10.88
CA HIS A 530 -11.03 -4.88 10.76
C HIS A 530 -10.78 -3.38 10.55
N ASP A 531 -11.43 -2.79 9.55
CA ASP A 531 -11.20 -1.37 9.13
C ASP A 531 -11.85 -0.42 10.14
N ILE A 532 -12.90 -0.85 10.83
CA ILE A 532 -13.50 -0.09 11.99
C ILE A 532 -12.49 -0.09 13.14
N THR A 533 -11.95 -1.28 13.48
CA THR A 533 -10.98 -1.50 14.60
C THR A 533 -9.72 -0.65 14.38
N HIS A 534 -9.34 -0.40 13.12
CA HIS A 534 -8.19 0.47 12.73
C HIS A 534 -8.37 1.88 13.29
N GLY A 535 -9.61 2.29 13.58
CA GLY A 535 -9.92 3.57 14.26
C GLY A 535 -9.37 3.63 15.67
N PHE A 536 -9.14 2.47 16.30
CA PHE A 536 -8.66 2.35 17.70
C PHE A 536 -7.49 1.37 17.84
N ASP A 537 -6.61 1.28 16.83
CA ASP A 537 -5.38 0.45 16.89
C ASP A 537 -4.24 1.33 17.45
N ASP A 538 -3.00 0.82 17.52
CA ASP A 538 -1.86 1.53 18.17
C ASP A 538 -1.67 2.93 17.58
N ASN A 539 -1.86 3.12 16.27
CA ASN A 539 -1.77 4.45 15.61
C ASN A 539 -3.16 5.08 15.60
N GLY A 540 -4.13 4.32 15.08
CA GLY A 540 -5.56 4.70 14.97
C GLY A 540 -6.10 5.42 16.22
N ARG A 541 -5.78 4.94 17.43
CA ARG A 541 -6.39 5.38 18.74
C ARG A 541 -5.89 6.74 19.26
N ASN A 542 -5.05 7.46 18.50
CA ASN A 542 -4.48 8.80 18.84
C ASN A 542 -5.23 9.90 18.07
N PHE A 543 -6.28 9.54 17.34
CA PHE A 543 -7.06 10.46 16.45
C PHE A 543 -8.53 10.50 16.90
N ASN A 544 -9.08 11.70 17.05
CA ASN A 544 -10.47 11.96 17.54
C ASN A 544 -11.47 11.61 16.42
N LYS A 545 -12.74 12.00 16.58
CA LYS A 545 -13.86 11.65 15.66
C LYS A 545 -13.79 12.52 14.39
N ASP A 546 -13.02 13.61 14.43
CA ASP A 546 -12.78 14.52 13.27
C ASP A 546 -11.39 14.24 12.66
N GLY A 547 -10.72 13.16 13.07
CA GLY A 547 -9.42 12.74 12.52
C GLY A 547 -8.31 13.73 12.83
N ASP A 548 -8.24 14.16 14.09
CA ASP A 548 -7.26 15.15 14.60
C ASP A 548 -6.39 14.46 15.64
N LEU A 549 -5.09 14.72 15.64
CA LEU A 549 -4.12 14.06 16.54
C LEU A 549 -4.21 14.69 17.93
N VAL A 550 -5.26 14.36 18.67
CA VAL A 550 -5.53 14.92 20.03
C VAL A 550 -5.71 13.73 20.97
N ASP A 551 -5.08 13.77 22.16
CA ASP A 551 -5.21 12.70 23.18
C ASP A 551 -6.62 12.75 23.77
N TRP A 552 -7.34 11.62 23.72
CA TRP A 552 -8.68 11.44 24.37
C TRP A 552 -8.66 10.18 25.23
N TRP A 553 -7.49 9.79 25.74
CA TRP A 553 -7.26 8.57 26.55
C TRP A 553 -6.73 8.95 27.94
N THR A 554 -7.36 8.44 29.00
CA THR A 554 -6.90 8.54 30.41
C THR A 554 -5.57 7.80 30.56
N GLN A 555 -4.72 8.26 31.48
CA GLN A 555 -3.33 7.74 31.67
C GLN A 555 -3.36 6.31 32.20
N GLN A 556 -4.55 5.78 32.55
CA GLN A 556 -4.75 4.36 32.97
C GLN A 556 -5.22 3.53 31.77
N SER A 557 -6.23 4.01 31.03
CA SER A 557 -6.81 3.35 29.83
C SER A 557 -5.75 3.23 28.73
N ALA A 558 -4.93 4.27 28.57
CA ALA A 558 -3.78 4.31 27.62
C ALA A 558 -2.72 3.31 28.07
N SER A 559 -2.32 3.39 29.34
CA SER A 559 -1.35 2.46 30.00
C SER A 559 -1.83 1.01 29.86
N ASN A 560 -3.15 0.80 29.96
CA ASN A 560 -3.79 -0.54 29.82
C ASN A 560 -3.67 -1.02 28.37
N PHE A 561 -4.02 -0.18 27.40
CA PHE A 561 -3.98 -0.49 25.94
C PHE A 561 -2.60 -1.06 25.59
N LYS A 562 -1.53 -0.36 25.99
CA LYS A 562 -0.12 -0.79 25.80
C LYS A 562 0.08 -2.17 26.43
N GLU A 563 -0.24 -2.30 27.72
CA GLU A 563 -0.11 -3.55 28.52
C GLU A 563 -0.88 -4.68 27.83
N GLN A 564 -2.12 -4.43 27.41
CA GLN A 564 -3.03 -5.43 26.77
C GLN A 564 -2.49 -5.82 25.40
N SER A 565 -2.11 -4.83 24.58
CA SER A 565 -1.66 -5.00 23.17
C SER A 565 -0.24 -5.57 23.13
N GLN A 566 0.56 -5.37 24.18
CA GLN A 566 1.95 -5.90 24.32
C GLN A 566 1.92 -7.43 24.25
N CYS A 567 0.78 -8.06 24.60
CA CYS A 567 0.53 -9.52 24.48
C CYS A 567 0.74 -9.96 23.03
N MET A 568 0.04 -9.32 22.09
CA MET A 568 0.06 -9.65 20.63
C MET A 568 1.45 -9.39 20.05
N VAL A 569 2.15 -8.37 20.56
CA VAL A 569 3.55 -8.00 20.15
C VAL A 569 4.46 -9.20 20.44
N TYR A 570 4.26 -9.86 21.58
CA TYR A 570 5.05 -11.04 22.03
C TYR A 570 4.58 -12.30 21.28
N GLN A 571 3.25 -12.45 21.11
CA GLN A 571 2.62 -13.63 20.45
C GLN A 571 3.16 -13.77 19.03
N TYR A 572 2.99 -12.73 18.21
CA TYR A 572 3.38 -12.72 16.76
C TYR A 572 4.90 -12.68 16.64
N GLY A 573 5.59 -12.05 17.61
CA GLY A 573 7.06 -12.08 17.74
C GLY A 573 7.60 -13.49 17.84
N ASN A 574 6.82 -14.41 18.42
CA ASN A 574 7.17 -15.86 18.59
C ASN A 574 6.49 -16.69 17.49
N PHE A 575 6.62 -16.25 16.23
CA PHE A 575 6.23 -17.03 15.02
C PHE A 575 7.42 -17.06 14.05
N SER A 576 8.02 -18.24 13.87
CA SER A 576 9.13 -18.50 12.92
C SER A 576 8.56 -18.90 11.56
N TRP A 577 8.81 -18.08 10.53
CA TRP A 577 8.29 -18.27 9.15
C TRP A 577 9.27 -19.09 8.32
N ASP A 578 8.91 -20.34 8.00
CA ASP A 578 9.78 -21.35 7.34
C ASP A 578 10.21 -20.84 5.95
N LEU A 579 9.29 -20.18 5.23
CA LEU A 579 9.51 -19.65 3.85
C LEU A 579 10.57 -18.55 3.85
N ALA A 580 10.76 -17.86 4.99
CA ALA A 580 11.73 -16.76 5.17
C ALA A 580 12.96 -17.25 5.94
N GLY A 581 13.29 -18.54 5.83
CA GLY A 581 14.47 -19.17 6.46
C GLY A 581 14.38 -19.19 7.97
N GLY A 582 13.15 -19.24 8.51
CA GLY A 582 12.88 -19.39 9.95
C GLY A 582 13.12 -18.10 10.73
N GLN A 583 13.12 -16.94 10.06
CA GLN A 583 13.21 -15.61 10.72
C GLN A 583 11.87 -15.32 11.40
N HIS A 584 11.91 -14.69 12.59
CA HIS A 584 10.72 -14.32 13.40
C HIS A 584 10.06 -13.07 12.83
N LEU A 585 8.73 -12.97 12.93
CA LEU A 585 7.94 -11.79 12.46
C LEU A 585 8.27 -10.60 13.36
N ASN A 586 8.28 -9.39 12.79
CA ASN A 586 8.38 -8.11 13.54
C ASN A 586 7.01 -7.83 14.18
N GLY A 587 6.84 -8.26 15.44
CA GLY A 587 5.57 -8.20 16.20
C GLY A 587 5.11 -6.77 16.43
N ILE A 588 6.03 -5.81 16.41
CA ILE A 588 5.77 -4.36 16.65
C ILE A 588 5.24 -3.73 15.35
N ASN A 589 5.87 -4.03 14.21
CA ASN A 589 5.51 -3.49 12.87
C ASN A 589 4.13 -4.01 12.45
N THR A 590 3.76 -5.22 12.87
CA THR A 590 2.52 -5.94 12.45
C THR A 590 1.39 -5.73 13.45
N LEU A 591 1.67 -5.09 14.60
CA LEU A 591 0.72 -4.96 15.74
C LEU A 591 -0.61 -4.34 15.27
N GLY A 592 -0.54 -3.18 14.61
CA GLY A 592 -1.72 -2.42 14.13
C GLY A 592 -2.68 -3.32 13.38
N GLU A 593 -2.17 -4.08 12.41
CA GLU A 593 -2.96 -4.99 11.54
C GLU A 593 -3.39 -6.24 12.32
N ASN A 594 -2.55 -6.71 13.24
CA ASN A 594 -2.82 -7.88 14.11
C ASN A 594 -3.99 -7.57 15.05
N ILE A 595 -4.00 -6.37 15.65
CA ILE A 595 -5.09 -5.85 16.53
C ILE A 595 -6.40 -5.82 15.72
N ALA A 596 -6.33 -5.35 14.47
CA ALA A 596 -7.48 -5.16 13.56
C ALA A 596 -8.08 -6.52 13.17
N ASP A 597 -7.25 -7.55 12.99
CA ASP A 597 -7.69 -8.92 12.65
C ASP A 597 -8.46 -9.53 13.82
N ASN A 598 -7.83 -9.54 15.01
CA ASN A 598 -8.38 -10.11 16.27
C ASN A 598 -9.69 -9.41 16.64
N GLY A 599 -9.74 -8.09 16.52
CA GLY A 599 -10.93 -7.27 16.79
C GLY A 599 -12.06 -7.56 15.81
N GLY A 600 -11.75 -7.53 14.51
CA GLY A 600 -12.72 -7.66 13.40
C GLY A 600 -13.46 -8.98 13.44
N LEU A 601 -12.74 -10.10 13.60
CA LEU A 601 -13.32 -11.47 13.62
C LEU A 601 -14.29 -11.62 14.79
N GLY A 602 -13.88 -11.17 15.98
CA GLY A 602 -14.72 -11.17 17.20
C GLY A 602 -16.00 -10.36 17.00
N GLN A 603 -15.86 -9.14 16.49
CA GLN A 603 -16.99 -8.20 16.19
C GLN A 603 -17.92 -8.82 15.14
N ALA A 604 -17.34 -9.48 14.12
CA ALA A 604 -18.07 -10.11 13.00
C ALA A 604 -18.91 -11.29 13.49
N TYR A 605 -18.35 -12.10 14.39
CA TYR A 605 -18.99 -13.32 14.97
C TYR A 605 -20.23 -12.92 15.78
N ARG A 606 -20.08 -11.95 16.69
CA ARG A 606 -21.17 -11.44 17.57
C ARG A 606 -22.31 -10.88 16.72
N ALA A 607 -21.98 -10.17 15.63
CA ALA A 607 -22.94 -9.61 14.66
C ALA A 607 -23.75 -10.73 14.00
N TYR A 608 -23.13 -11.89 13.81
CA TYR A 608 -23.76 -13.11 13.21
C TYR A 608 -24.63 -13.81 14.25
N GLN A 609 -24.19 -13.79 15.52
CA GLN A 609 -24.96 -14.35 16.68
C GLN A 609 -26.22 -13.51 16.91
N ASN A 610 -26.11 -12.18 16.76
CA ASN A 610 -27.26 -11.23 16.84
C ASN A 610 -28.22 -11.52 15.68
N TYR A 611 -27.70 -11.94 14.53
CA TYR A 611 -28.48 -12.35 13.33
C TYR A 611 -29.17 -13.70 13.60
N ILE A 612 -28.45 -14.63 14.24
CA ILE A 612 -28.98 -15.97 14.65
C ILE A 612 -30.19 -15.77 15.58
N LYS A 613 -30.04 -14.93 16.61
CA LYS A 613 -31.09 -14.65 17.62
C LYS A 613 -32.30 -13.97 16.97
N LYS A 614 -32.04 -13.06 16.01
CA LYS A 614 -33.08 -12.19 15.39
C LYS A 614 -33.80 -12.92 14.26
N ASN A 615 -33.07 -13.66 13.41
CA ASN A 615 -33.60 -14.27 12.16
C ASN A 615 -33.59 -15.80 12.24
N GLY A 616 -33.14 -16.39 13.36
CA GLY A 616 -33.01 -17.85 13.51
C GLY A 616 -31.84 -18.40 12.71
N GLU A 617 -31.80 -19.73 12.51
CA GLU A 617 -30.74 -20.42 11.72
C GLU A 617 -31.13 -20.43 10.24
N GLU A 618 -30.22 -20.89 9.38
CA GLU A 618 -30.37 -20.96 7.90
C GLU A 618 -29.92 -22.34 7.41
N LYS A 619 -30.50 -22.80 6.29
CA LYS A 619 -30.30 -24.16 5.71
C LYS A 619 -28.80 -24.38 5.45
N LEU A 620 -28.27 -25.52 5.94
CA LEU A 620 -26.82 -25.88 5.87
C LEU A 620 -26.42 -26.17 4.42
N LEU A 621 -25.12 -26.14 4.12
CA LEU A 621 -24.54 -26.39 2.77
C LEU A 621 -24.27 -27.89 2.60
N PRO A 622 -24.44 -28.46 1.39
CA PRO A 622 -24.20 -29.88 1.17
C PRO A 622 -22.71 -30.28 1.20
N GLY A 623 -22.45 -31.59 1.24
CA GLY A 623 -21.11 -32.21 1.12
C GLY A 623 -20.13 -31.74 2.17
N LEU A 624 -20.63 -31.26 3.32
CA LEU A 624 -19.81 -30.72 4.44
C LEU A 624 -20.44 -31.12 5.78
N ASP A 625 -19.66 -31.75 6.65
CA ASP A 625 -20.08 -32.15 8.03
C ASP A 625 -20.00 -30.94 8.96
N LEU A 626 -19.56 -29.80 8.44
CA LEU A 626 -19.36 -28.52 9.20
C LEU A 626 -20.72 -27.81 9.33
N ASN A 627 -21.04 -27.31 10.53
CA ASN A 627 -22.26 -26.50 10.81
C ASN A 627 -21.96 -25.04 10.50
N HIS A 628 -22.99 -24.17 10.54
CA HIS A 628 -22.94 -22.75 10.11
C HIS A 628 -21.99 -21.93 10.99
N LYS A 629 -21.84 -22.29 12.26
CA LYS A 629 -20.93 -21.62 13.23
C LYS A 629 -19.48 -21.76 12.75
N GLN A 630 -19.15 -22.91 12.14
CA GLN A 630 -17.77 -23.27 11.70
C GLN A 630 -17.48 -22.66 10.32
N LEU A 631 -18.43 -22.75 9.39
CA LEU A 631 -18.29 -22.23 7.99
C LEU A 631 -17.87 -20.75 8.02
N PHE A 632 -18.33 -20.00 9.03
CA PHE A 632 -17.91 -18.60 9.33
C PHE A 632 -16.38 -18.57 9.48
N PHE A 633 -15.84 -19.41 10.35
CA PHE A 633 -14.39 -19.49 10.68
C PHE A 633 -13.61 -20.06 9.48
N LEU A 634 -14.20 -21.02 8.76
CA LEU A 634 -13.57 -21.68 7.58
C LEU A 634 -13.41 -20.64 6.46
N ASN A 635 -14.45 -19.85 6.20
CA ASN A 635 -14.47 -18.81 5.13
C ASN A 635 -13.43 -17.73 5.48
N PHE A 636 -13.36 -17.33 6.75
CA PHE A 636 -12.38 -16.34 7.27
C PHE A 636 -10.95 -16.81 6.95
N ALA A 637 -10.67 -18.09 7.17
CA ALA A 637 -9.35 -18.72 6.93
C ALA A 637 -9.07 -18.77 5.43
N GLN A 638 -10.07 -19.10 4.62
CA GLN A 638 -9.94 -19.29 3.15
C GLN A 638 -9.71 -17.94 2.45
N VAL A 639 -10.06 -16.83 3.11
CA VAL A 639 -9.73 -15.44 2.65
C VAL A 639 -8.21 -15.31 2.55
N TRP A 640 -7.47 -15.92 3.47
CA TRP A 640 -5.99 -15.73 3.65
C TRP A 640 -5.19 -16.93 3.14
N CYS A 641 -5.83 -17.85 2.39
CA CYS A 641 -5.14 -18.99 1.70
C CYS A 641 -4.15 -18.41 0.68
N GLY A 642 -2.91 -18.91 0.67
CA GLY A 642 -1.85 -18.44 -0.24
C GLY A 642 -0.46 -18.84 0.23
N THR A 643 0.55 -18.56 -0.59
CA THR A 643 1.98 -18.88 -0.33
C THR A 643 2.88 -17.79 -0.94
N TYR A 644 4.14 -17.74 -0.50
CA TYR A 644 5.15 -16.69 -0.84
C TYR A 644 6.41 -17.35 -1.41
N ARG A 645 7.15 -16.61 -2.24
CA ARG A 645 8.53 -16.97 -2.66
C ARG A 645 9.49 -16.61 -1.54
N PRO A 646 10.58 -17.39 -1.31
CA PRO A 646 11.56 -17.05 -0.27
C PRO A 646 12.18 -15.66 -0.43
N GLU A 647 12.39 -15.22 -1.67
CA GLU A 647 13.01 -13.91 -2.01
C GLU A 647 12.10 -12.76 -1.52
N TYR A 648 10.78 -12.94 -1.65
CA TYR A 648 9.76 -11.93 -1.28
C TYR A 648 9.27 -12.14 0.16
N ALA A 649 9.45 -13.35 0.69
CA ALA A 649 9.19 -13.69 2.12
C ALA A 649 10.14 -12.88 3.01
N VAL A 650 11.41 -12.80 2.61
CA VAL A 650 12.46 -11.94 3.23
C VAL A 650 12.01 -10.47 3.14
N ASN A 651 11.67 -10.02 1.93
CA ASN A 651 11.14 -8.66 1.62
C ASN A 651 9.97 -8.34 2.56
N SER A 652 9.02 -9.27 2.68
CA SER A 652 7.73 -9.11 3.42
C SER A 652 7.99 -8.81 4.90
N ILE A 653 8.84 -9.62 5.56
CA ILE A 653 9.10 -9.55 7.03
C ILE A 653 9.53 -8.13 7.44
N LYS A 654 10.39 -7.50 6.62
CA LYS A 654 11.03 -6.19 6.95
C LYS A 654 10.11 -5.02 6.63
N THR A 655 9.41 -5.06 5.48
CA THR A 655 8.53 -3.97 4.99
C THR A 655 7.09 -4.17 5.49
N ASP A 656 6.40 -5.19 4.95
CA ASP A 656 4.93 -5.41 5.10
C ASP A 656 4.51 -5.18 6.56
N VAL A 657 3.52 -4.30 6.77
CA VAL A 657 2.91 -3.98 8.10
C VAL A 657 1.86 -5.04 8.44
N HIS A 658 1.48 -5.89 7.47
CA HIS A 658 0.60 -7.06 7.66
C HIS A 658 1.43 -8.29 8.03
N SER A 659 0.85 -9.21 8.81
CA SER A 659 1.39 -10.57 9.07
C SER A 659 1.14 -11.44 7.84
N PRO A 660 2.00 -12.43 7.53
CA PRO A 660 1.75 -13.32 6.39
C PRO A 660 0.52 -14.21 6.61
N GLY A 661 -0.13 -14.61 5.51
CA GLY A 661 -1.45 -15.26 5.48
C GLY A 661 -1.66 -16.26 6.61
N ASN A 662 -0.77 -17.26 6.73
CA ASN A 662 -0.95 -18.44 7.61
C ASN A 662 -1.05 -18.00 9.08
N PHE A 663 -0.30 -16.97 9.50
CA PHE A 663 -0.19 -16.53 10.92
C PHE A 663 -1.33 -15.55 11.26
N ARG A 664 -1.97 -14.94 10.26
CA ARG A 664 -3.20 -14.12 10.45
C ARG A 664 -4.34 -15.06 10.87
N ILE A 665 -4.39 -16.26 10.30
CA ILE A 665 -5.38 -17.33 10.64
C ILE A 665 -5.05 -17.88 12.03
N ILE A 666 -3.85 -18.43 12.19
CA ILE A 666 -3.38 -19.12 13.44
C ILE A 666 -3.48 -18.12 14.61
N GLY A 667 -2.79 -16.99 14.50
CA GLY A 667 -2.68 -15.96 15.57
C GLY A 667 -4.01 -15.58 16.18
N THR A 668 -5.02 -15.29 15.33
CA THR A 668 -6.35 -14.77 15.76
C THR A 668 -7.20 -15.89 16.36
N LEU A 669 -7.25 -17.05 15.71
CA LEU A 669 -8.08 -18.22 16.13
C LEU A 669 -7.50 -18.85 17.40
N GLN A 670 -6.20 -18.68 17.64
CA GLN A 670 -5.53 -19.04 18.92
C GLN A 670 -6.09 -18.14 20.04
N ASN A 671 -6.46 -16.91 19.72
CA ASN A 671 -6.98 -15.89 20.66
C ASN A 671 -8.52 -15.85 20.61
N SER A 672 -9.15 -16.87 20.03
CA SER A 672 -10.63 -16.97 19.86
C SER A 672 -11.16 -18.17 20.63
N ALA A 673 -11.86 -17.92 21.75
CA ALA A 673 -12.56 -18.93 22.57
C ALA A 673 -13.74 -19.51 21.77
N GLU A 674 -14.34 -18.67 20.92
CA GLU A 674 -15.53 -19.02 20.08
C GLU A 674 -15.13 -20.08 19.05
N PHE A 675 -13.90 -20.01 18.53
CA PHE A 675 -13.33 -20.96 17.54
C PHE A 675 -13.18 -22.35 18.18
N SER A 676 -12.46 -22.41 19.31
CA SER A 676 -12.19 -23.64 20.09
C SER A 676 -13.51 -24.32 20.45
N GLU A 677 -14.52 -23.54 20.83
CA GLU A 677 -15.89 -24.01 21.18
C GLU A 677 -16.57 -24.60 19.92
N ALA A 678 -16.48 -23.89 18.80
CA ALA A 678 -17.14 -24.22 17.51
C ALA A 678 -16.54 -25.50 16.91
N PHE A 679 -15.24 -25.73 17.10
CA PHE A 679 -14.48 -26.89 16.55
C PHE A 679 -14.12 -27.90 17.65
N HIS A 680 -14.58 -27.65 18.89
CA HIS A 680 -14.46 -28.56 20.06
C HIS A 680 -12.99 -28.99 20.24
N CYS A 681 -12.09 -28.01 20.33
CA CYS A 681 -10.62 -28.21 20.50
C CYS A 681 -10.26 -28.27 21.99
N ARG A 682 -9.40 -29.22 22.36
CA ARG A 682 -8.92 -29.44 23.76
C ARG A 682 -7.99 -28.30 24.17
N LYS A 683 -7.98 -27.97 25.47
CA LYS A 683 -7.10 -26.92 26.06
C LYS A 683 -5.64 -27.40 26.03
N ASN A 684 -4.72 -26.54 25.59
CA ASN A 684 -3.26 -26.80 25.51
C ASN A 684 -2.87 -27.20 24.09
N SER A 685 -3.84 -27.52 23.23
CA SER A 685 -3.64 -27.79 21.77
C SER A 685 -3.16 -26.51 21.08
N TYR A 686 -2.40 -26.64 20.00
CA TYR A 686 -1.67 -25.53 19.32
C TYR A 686 -2.62 -24.39 18.96
N MET A 687 -3.84 -24.71 18.52
CA MET A 687 -4.85 -23.72 18.06
C MET A 687 -5.72 -23.22 19.22
N ASN A 688 -5.46 -23.69 20.45
CA ASN A 688 -6.22 -23.29 21.67
C ASN A 688 -5.25 -23.21 22.85
N PRO A 689 -4.27 -22.28 22.83
CA PRO A 689 -3.33 -22.12 23.94
C PRO A 689 -3.97 -21.44 25.15
N GLU A 690 -3.33 -21.58 26.32
CA GLU A 690 -3.83 -21.06 27.64
C GLU A 690 -3.94 -19.53 27.58
N LYS A 691 -2.82 -18.84 27.40
CA LYS A 691 -2.75 -17.35 27.33
C LYS A 691 -3.36 -16.88 26.00
N LYS A 692 -4.41 -16.06 26.07
CA LYS A 692 -5.15 -15.51 24.90
C LYS A 692 -5.10 -13.98 24.93
N CYS A 693 -4.40 -13.37 23.96
CA CYS A 693 -4.27 -11.91 23.79
C CYS A 693 -5.57 -11.34 23.23
N ARG A 694 -6.12 -10.30 23.89
CA ARG A 694 -7.40 -9.66 23.50
C ARG A 694 -7.31 -8.15 23.73
N VAL A 695 -7.95 -7.36 22.86
CA VAL A 695 -8.00 -5.87 22.92
C VAL A 695 -9.43 -5.43 22.64
N TRP A 696 -9.94 -5.66 21.43
CA TRP A 696 -11.31 -5.28 20.98
C TRP A 696 -12.13 -6.54 20.68
N ALA B 1 -5.80 -0.64 5.07
CA ALA B 1 -5.46 -1.76 4.15
C ALA B 1 -5.72 -3.10 4.86
N ALA B 2 -6.16 -4.11 4.10
CA ALA B 2 -6.34 -5.51 4.55
C ALA B 2 -5.16 -6.35 4.06
N ALA B 3 -4.84 -6.25 2.76
CA ALA B 3 -3.66 -6.88 2.10
C ALA B 3 -2.82 -5.78 1.42
N ALA B 4 -1.68 -6.16 0.83
CA ALA B 4 -0.74 -5.27 0.13
C ALA B 4 -0.72 -5.60 -1.37
#